data_7A5C
#
_entry.id   7A5C
#
_cell.length_a   118.700
_cell.length_b   118.700
_cell.length_c   113.750
_cell.angle_alpha   90.000
_cell.angle_beta   90.000
_cell.angle_gamma   120.000
#
_symmetry.space_group_name_H-M   'P 63'
#
loop_
_entity.id
_entity.type
_entity.pdbx_description
1 polymer 'Sialic acid-binding periplasmic protein SiaP'
2 non-polymer GLYCEROL
3 water water
#
_entity_poly.entity_id   1
_entity_poly.type   'polypeptide(L)'
_entity_poly.pdbx_seq_one_letter_code
;DYDIPTTENLYFQGAMGATTLKMGMQASVGSVEYNSAKMLADTLEEMSQGEIKLALYPSAQLGDDRAMLQ(R1A)LTLGD
LDITYAEFGRMGLWIPRAEAVMLPYVAKDFDHLRRMFESDFGQGVRDEMLQKFNWRALDTWYNGTAETTSNRPLNSIEDF
KGLKLRVPNAKQNLNYAKLSGASPTPMSFSEVY(R1A)ALQTNAVDGQENPLPTIKTMKFYEVQKNLAMTHHIVNDQMVI
ISESTWQKLSDTDKDIIQKAVQKVGDAHTQTVKTQEAELVSFFKSEGINVTYPDLEPFREAMQPLYKEFDSNIGQPIVSK
LAAM
;
_entity_poly.pdbx_strand_id   A,B
#
loop_
_chem_comp.id
_chem_comp.type
_chem_comp.name
_chem_comp.formula
GOL non-polymer GLYCEROL 'C3 H8 O3'
#
# COMPACT_ATOMS: atom_id res chain seq x y z
N ASP A 1 -3.97 18.10 14.02
CA ASP A 1 -4.78 17.60 12.91
C ASP A 1 -5.76 16.52 13.37
N TYR A 2 -5.62 15.32 12.79
CA TYR A 2 -6.45 14.17 13.15
C TYR A 2 -5.65 13.18 13.99
N ASP A 3 -6.36 12.46 14.86
CA ASP A 3 -5.75 11.45 15.74
C ASP A 3 -5.61 10.12 14.98
N ILE A 4 -4.68 10.12 14.03
CA ILE A 4 -4.49 8.97 13.14
C ILE A 4 -3.02 8.64 13.04
N PRO A 5 -2.57 7.47 13.54
CA PRO A 5 -1.15 7.14 13.47
C PRO A 5 -0.62 7.16 12.04
N THR A 6 0.62 7.61 11.89
CA THR A 6 1.29 7.64 10.60
C THR A 6 1.91 6.28 10.29
N THR A 7 2.35 6.15 9.03
CA THR A 7 3.10 4.98 8.60
C THR A 7 4.36 4.79 9.42
N GLU A 8 5.03 5.89 9.75
CA GLU A 8 6.20 5.83 10.60
C GLU A 8 5.85 5.34 12.00
N ASN A 9 4.70 5.74 12.54
CA ASN A 9 4.32 5.30 13.89
C ASN A 9 4.06 3.81 13.95
N LEU A 10 3.55 3.23 12.87
CA LEU A 10 3.14 1.84 12.85
C LEU A 10 4.25 0.90 12.40
N TYR A 11 5.33 1.45 11.83
CA TYR A 11 6.33 0.64 11.12
C TYR A 11 6.88 -0.45 12.02
N PHE A 12 7.29 -0.08 13.23
CA PHE A 12 7.87 -1.01 14.17
C PHE A 12 6.86 -1.62 15.14
N GLN A 13 5.55 -1.46 14.93
CA GLN A 13 4.61 -2.13 15.83
C GLN A 13 4.55 -3.59 15.44
N GLY A 14 4.92 -4.49 16.35
CA GLY A 14 4.85 -5.90 16.05
C GLY A 14 3.46 -6.47 16.31
N ALA A 15 3.14 -7.55 15.58
CA ALA A 15 1.92 -8.30 15.80
C ALA A 15 2.14 -9.37 16.86
N MET A 16 1.08 -9.72 17.55
CA MET A 16 1.16 -10.61 18.70
C MET A 16 0.88 -12.05 18.26
N GLY A 17 1.77 -12.96 18.64
CA GLY A 17 1.76 -14.32 18.14
C GLY A 17 2.24 -14.48 16.72
N ALA A 18 2.41 -13.39 15.98
CA ALA A 18 2.78 -13.42 14.58
C ALA A 18 4.10 -12.70 14.36
N THR A 19 4.79 -13.11 13.31
CA THR A 19 6.08 -12.54 12.94
C THR A 19 5.83 -11.56 11.79
N THR A 20 6.01 -10.27 12.03
CA THR A 20 5.66 -9.24 11.06
C THR A 20 6.86 -8.90 10.19
N LEU A 21 6.73 -9.11 8.89
CA LEU A 21 7.79 -8.84 7.94
C LEU A 21 7.45 -7.59 7.14
N LYS A 22 8.43 -6.71 6.99
CA LYS A 22 8.26 -5.46 6.26
C LYS A 22 8.99 -5.58 4.94
N MET A 23 8.34 -5.21 3.85
CA MET A 23 8.96 -5.30 2.54
C MET A 23 8.82 -3.97 1.79
N GLY A 24 9.95 -3.42 1.36
CA GLY A 24 9.96 -2.19 0.57
C GLY A 24 10.27 -2.41 -0.90
N MET A 25 9.82 -1.48 -1.73
CA MET A 25 10.03 -1.57 -3.17
C MET A 25 9.91 -0.17 -3.76
N GLN A 26 10.59 0.03 -4.90
CA GLN A 26 10.47 1.27 -5.65
C GLN A 26 9.20 1.31 -6.50
N ALA A 27 8.73 0.16 -6.99
CA ALA A 27 7.53 0.12 -7.81
C ALA A 27 6.33 0.65 -7.03
N SER A 28 5.33 1.15 -7.76
CA SER A 28 4.23 1.88 -7.15
C SER A 28 2.97 1.02 -7.08
N VAL A 29 2.01 1.49 -6.29
CA VAL A 29 0.69 0.87 -6.24
C VAL A 29 0.15 0.74 -7.65
N GLY A 30 -0.27 -0.46 -8.00
CA GLY A 30 -0.82 -0.77 -9.29
C GLY A 30 0.15 -1.49 -10.21
N SER A 31 1.43 -1.52 -9.87
CA SER A 31 2.40 -2.21 -10.69
C SER A 31 2.29 -3.73 -10.49
N VAL A 32 2.79 -4.47 -11.47
CA VAL A 32 2.85 -5.91 -11.33
C VAL A 32 3.72 -6.31 -10.13
N GLU A 33 4.84 -5.60 -9.93
CA GLU A 33 5.71 -5.84 -8.77
C GLU A 33 4.92 -5.72 -7.48
N TYR A 34 4.19 -4.62 -7.32
CA TYR A 34 3.40 -4.42 -6.12
C TYR A 34 2.29 -5.46 -6.00
N ASN A 35 1.61 -5.79 -7.12
CA ASN A 35 0.56 -6.80 -7.06
C ASN A 35 1.12 -8.16 -6.62
N SER A 36 2.31 -8.52 -7.11
CA SER A 36 2.89 -9.80 -6.73
C SER A 36 3.30 -9.81 -5.26
N ALA A 37 3.72 -8.66 -4.75
CA ALA A 37 4.04 -8.53 -3.34
C ALA A 37 2.80 -8.72 -2.49
N LYS A 38 1.67 -8.14 -2.94
CA LYS A 38 0.40 -8.38 -2.27
C LYS A 38 0.04 -9.86 -2.24
N MET A 39 0.26 -10.56 -3.36
CA MET A 39 0.01 -11.99 -3.40
C MET A 39 0.93 -12.74 -2.45
N LEU A 40 2.19 -12.32 -2.38
CA LEU A 40 3.12 -12.94 -1.45
C LEU A 40 2.63 -12.78 -0.01
N ALA A 41 2.12 -11.59 0.33
CA ALA A 41 1.58 -11.36 1.66
C ALA A 41 0.39 -12.26 1.96
N ASP A 42 -0.51 -12.44 0.99
N ASP A 42 -0.51 -12.45 0.99
CA ASP A 42 -1.68 -13.30 1.21
CA ASP A 42 -1.68 -13.28 1.22
C ASP A 42 -1.28 -14.75 1.36
C ASP A 42 -1.31 -14.76 1.32
N THR A 43 -0.32 -15.20 0.54
CA THR A 43 0.13 -16.60 0.62
C THR A 43 0.80 -16.90 1.95
N LEU A 44 1.65 -15.97 2.41
CA LEU A 44 2.33 -16.13 3.69
C LEU A 44 1.34 -16.21 4.84
N GLU A 45 0.32 -15.34 4.83
CA GLU A 45 -0.67 -15.39 5.90
C GLU A 45 -1.47 -16.69 5.86
N GLU A 46 -1.74 -17.20 4.65
CA GLU A 46 -2.51 -18.45 4.52
C GLU A 46 -1.68 -19.65 4.91
N MET A 47 -0.48 -19.77 4.35
N MET A 47 -0.47 -19.77 4.37
CA MET A 47 0.36 -20.95 4.61
CA MET A 47 0.32 -20.97 4.62
C MET A 47 0.75 -21.03 6.08
C MET A 47 0.87 -21.03 6.04
N SER A 48 0.92 -19.89 6.75
CA SER A 48 1.37 -19.84 8.13
C SER A 48 0.22 -19.72 9.13
N GLN A 49 -1.02 -19.72 8.66
CA GLN A 49 -2.20 -19.63 9.51
C GLN A 49 -2.17 -18.36 10.36
N GLY A 50 -1.65 -17.28 9.78
CA GLY A 50 -1.57 -16.01 10.44
C GLY A 50 -0.31 -15.77 11.26
N GLU A 51 0.62 -16.72 11.27
CA GLU A 51 1.83 -16.57 12.09
C GLU A 51 2.92 -15.78 11.38
N ILE A 52 2.82 -15.62 10.06
CA ILE A 52 3.71 -14.76 9.29
C ILE A 52 2.83 -13.75 8.57
N LYS A 53 3.16 -12.48 8.71
CA LYS A 53 2.42 -11.39 8.10
C LYS A 53 3.38 -10.49 7.36
N LEU A 54 2.90 -9.86 6.29
CA LEU A 54 3.75 -9.03 5.42
C LEU A 54 3.12 -7.65 5.25
N ALA A 55 3.87 -6.61 5.59
CA ALA A 55 3.49 -5.22 5.35
C ALA A 55 4.31 -4.67 4.19
N LEU A 56 3.66 -3.90 3.30
CA LEU A 56 4.27 -3.47 2.05
C LEU A 56 4.50 -1.97 2.07
N TYR A 57 5.65 -1.53 1.55
CA TYR A 57 6.02 -0.11 1.53
C TYR A 57 6.45 0.27 0.12
N PRO A 58 5.49 0.59 -0.76
CA PRO A 58 5.84 0.86 -2.16
C PRO A 58 6.29 2.28 -2.42
N SER A 59 6.54 2.56 -3.71
CA SER A 59 6.81 3.92 -4.22
C SER A 59 8.09 4.50 -3.63
N ALA A 60 9.03 3.64 -3.22
CA ALA A 60 10.28 4.08 -2.63
C ALA A 60 10.06 5.00 -1.42
N GLN A 61 8.94 4.83 -0.70
CA GLN A 61 8.71 5.70 0.45
C GLN A 61 9.73 5.49 1.55
N LEU A 62 10.39 4.33 1.59
CA LEU A 62 11.44 4.07 2.57
C LEU A 62 12.82 4.48 2.07
N GLY A 63 12.92 4.98 0.85
CA GLY A 63 14.19 5.21 0.18
C GLY A 63 14.26 4.45 -1.12
N ASP A 64 15.36 4.69 -1.85
CA ASP A 64 15.56 4.00 -3.11
C ASP A 64 16.09 2.58 -2.84
N ASP A 65 16.37 1.82 -3.90
CA ASP A 65 16.79 0.45 -3.67
C ASP A 65 18.11 0.39 -2.91
N ARG A 66 18.99 1.36 -3.14
CA ARG A 66 20.28 1.39 -2.47
C ARG A 66 20.08 1.54 -0.96
N ALA A 67 19.19 2.45 -0.56
CA ALA A 67 18.86 2.66 0.85
C ALA A 67 18.13 1.46 1.44
N MET A 68 17.22 0.89 0.68
CA MET A 68 16.43 -0.21 1.20
C MET A 68 17.30 -1.45 1.39
N LEU A 69 18.23 -1.71 0.47
CA LEU A 69 19.16 -2.82 0.63
C LEU A 69 20.06 -2.63 1.85
N GLN A 70 20.48 -1.39 2.11
CA GLN A 70 21.25 -1.11 3.31
C GLN A 70 20.44 -1.46 4.56
C R1A A 71 18.14 -2.96 5.91
CA R1A A 71 18.27 -1.47 5.64
N R1A A 71 19.14 -1.15 4.52
CB R1A A 71 16.87 -0.91 5.46
SG R1A A 71 16.79 0.85 5.50
SD R1A A 71 14.87 1.35 4.90
CE R1A A 71 13.77 1.19 6.28
C3 R1A A 71 13.76 2.21 7.33
C2 R1A A 71 14.41 3.60 7.29
C9 R1A A 71 15.92 3.57 7.42
C8 R1A A 71 13.93 4.52 6.17
C4 R1A A 71 13.12 2.00 8.50
C5 R1A A 71 13.19 3.17 9.45
C7 R1A A 71 11.80 3.65 9.85
C6 R1A A 71 14.09 2.83 10.64
N1 R1A A 71 13.89 4.25 8.60
O1 R1A A 71 14.01 5.36 8.89
O R1A A 71 18.04 -3.41 7.06
N LEU A 72 18.14 -3.75 4.84
CA LEU A 72 18.22 -5.20 4.99
C LEU A 72 19.56 -5.59 5.64
N THR A 73 20.65 -4.98 5.18
CA THR A 73 21.95 -5.27 5.79
C THR A 73 21.92 -5.04 7.29
N LEU A 74 21.22 -3.99 7.72
CA LEU A 74 21.22 -3.58 9.11
C LEU A 74 20.06 -4.14 9.91
N GLY A 75 19.12 -4.85 9.27
CA GLY A 75 18.00 -5.43 9.98
C GLY A 75 16.79 -4.53 10.15
N ASP A 76 16.79 -3.33 9.56
CA ASP A 76 15.67 -2.39 9.68
C ASP A 76 14.55 -2.68 8.69
N LEU A 77 14.84 -3.44 7.65
CA LEU A 77 13.86 -3.85 6.66
C LEU A 77 14.08 -5.34 6.40
N ASP A 78 13.00 -6.06 6.11
CA ASP A 78 13.11 -7.52 6.01
C ASP A 78 13.28 -8.01 4.57
N ILE A 79 12.48 -7.51 3.64
CA ILE A 79 12.45 -7.99 2.26
C ILE A 79 12.48 -6.79 1.32
N THR A 80 13.22 -6.92 0.22
CA THR A 80 13.11 -5.96 -0.85
C THR A 80 13.42 -6.67 -2.15
N TYR A 81 13.22 -5.94 -3.24
CA TYR A 81 13.53 -6.33 -4.61
C TYR A 81 14.86 -5.73 -5.04
N ALA A 82 15.60 -6.46 -5.86
CA ALA A 82 16.78 -5.91 -6.51
C ALA A 82 17.11 -6.77 -7.72
N GLU A 83 17.44 -6.12 -8.83
CA GLU A 83 17.80 -6.85 -10.04
C GLU A 83 19.12 -7.57 -9.86
N PHE A 84 19.18 -8.80 -10.38
CA PHE A 84 20.43 -9.54 -10.43
C PHE A 84 21.59 -8.64 -10.86
N GLY A 85 21.42 -7.94 -12.00
CA GLY A 85 22.48 -7.11 -12.52
C GLY A 85 22.81 -5.94 -11.63
N ARG A 86 21.84 -5.48 -10.84
CA ARG A 86 22.03 -4.35 -9.94
C ARG A 86 23.09 -4.65 -8.88
N MET A 87 23.31 -5.93 -8.57
CA MET A 87 24.39 -6.31 -7.67
C MET A 87 25.76 -5.86 -8.16
N GLY A 88 25.86 -5.50 -9.45
CA GLY A 88 27.13 -5.08 -10.01
C GLY A 88 27.73 -3.86 -9.32
N LEU A 89 26.89 -3.02 -8.71
CA LEU A 89 27.41 -1.87 -7.99
C LEU A 89 28.27 -2.30 -6.81
N TRP A 90 27.91 -3.42 -6.18
CA TRP A 90 28.60 -3.98 -5.02
C TRP A 90 29.54 -5.11 -5.39
N ILE A 91 29.14 -5.97 -6.31
CA ILE A 91 29.93 -7.12 -6.72
C ILE A 91 30.15 -7.03 -8.23
N PRO A 92 31.27 -6.46 -8.66
CA PRO A 92 31.37 -5.95 -10.04
C PRO A 92 31.09 -6.97 -11.13
N ARG A 93 31.44 -8.24 -10.93
CA ARG A 93 31.21 -9.23 -11.97
C ARG A 93 29.73 -9.48 -12.21
N ALA A 94 28.87 -9.17 -11.23
CA ALA A 94 27.44 -9.33 -11.41
C ALA A 94 26.88 -8.43 -12.51
N GLU A 95 27.56 -7.30 -12.81
CA GLU A 95 27.05 -6.41 -13.85
C GLU A 95 26.97 -7.09 -15.21
N ALA A 96 27.81 -8.10 -15.46
CA ALA A 96 27.83 -8.78 -16.74
C ALA A 96 26.44 -9.22 -17.18
N VAL A 97 25.55 -9.56 -16.24
CA VAL A 97 24.27 -10.17 -16.59
C VAL A 97 23.31 -9.13 -17.13
N MET A 98 23.71 -7.85 -17.09
CA MET A 98 22.84 -6.80 -17.60
C MET A 98 23.49 -6.00 -18.73
N LEU A 99 24.64 -6.45 -19.26
CA LEU A 99 25.13 -5.88 -20.50
C LEU A 99 24.13 -6.20 -21.61
N PRO A 100 23.90 -5.28 -22.53
CA PRO A 100 22.90 -5.54 -23.58
C PRO A 100 23.18 -6.86 -24.29
N TYR A 101 22.14 -7.69 -24.41
CA TYR A 101 22.07 -8.94 -25.17
C TYR A 101 22.78 -10.14 -24.55
N VAL A 102 23.39 -10.03 -23.37
CA VAL A 102 24.04 -11.19 -22.77
C VAL A 102 23.01 -12.26 -22.43
N ALA A 103 21.92 -11.87 -21.79
CA ALA A 103 20.83 -12.80 -21.55
C ALA A 103 19.96 -12.88 -22.79
N LYS A 104 19.87 -14.06 -23.38
CA LYS A 104 19.06 -14.23 -24.58
C LYS A 104 17.57 -14.13 -24.25
N ASP A 105 17.17 -14.65 -23.10
CA ASP A 105 15.78 -14.65 -22.66
C ASP A 105 15.79 -14.97 -21.17
N PHE A 106 14.60 -15.04 -20.56
CA PHE A 106 14.59 -15.22 -19.10
C PHE A 106 15.07 -16.61 -18.70
N ASP A 107 14.77 -17.64 -19.48
CA ASP A 107 15.32 -18.96 -19.16
C ASP A 107 16.84 -18.88 -19.08
N HIS A 108 17.46 -18.15 -20.00
CA HIS A 108 18.90 -17.95 -19.95
C HIS A 108 19.31 -17.20 -18.69
N LEU A 109 18.60 -16.11 -18.37
CA LEU A 109 18.93 -15.34 -17.17
C LEU A 109 18.74 -16.19 -15.91
N ARG A 110 17.66 -16.98 -15.88
N ARG A 110 17.66 -16.97 -15.88
CA ARG A 110 17.41 -17.82 -14.72
CA ARG A 110 17.40 -17.84 -14.74
C ARG A 110 18.54 -18.84 -14.53
C ARG A 110 18.54 -18.83 -14.54
N ARG A 111 19.03 -19.42 -15.65
CA ARG A 111 20.15 -20.34 -15.56
C ARG A 111 21.43 -19.65 -15.08
N MET A 112 21.63 -18.38 -15.45
CA MET A 112 22.77 -17.65 -14.91
C MET A 112 22.65 -17.54 -13.39
N PHE A 113 21.44 -17.28 -12.91
CA PHE A 113 21.21 -17.08 -11.48
C PHE A 113 21.44 -18.37 -10.70
N GLU A 114 20.95 -19.50 -11.21
CA GLU A 114 21.01 -20.77 -10.51
C GLU A 114 22.32 -21.50 -10.69
N SER A 115 23.26 -20.95 -11.45
CA SER A 115 24.50 -21.63 -11.72
C SER A 115 25.52 -21.42 -10.61
N ASP A 116 26.69 -22.06 -10.78
CA ASP A 116 27.77 -21.87 -9.83
C ASP A 116 28.24 -20.42 -9.79
N PHE A 117 28.25 -19.74 -10.94
CA PHE A 117 28.56 -18.32 -10.95
C PHE A 117 27.51 -17.54 -10.15
N GLY A 118 26.24 -17.79 -10.44
CA GLY A 118 25.17 -17.12 -9.71
C GLY A 118 25.22 -17.45 -8.23
N GLN A 119 25.41 -18.73 -7.89
CA GLN A 119 25.58 -19.08 -6.49
C GLN A 119 26.80 -18.38 -5.90
N GLY A 120 27.85 -18.19 -6.71
CA GLY A 120 29.01 -17.44 -6.21
C GLY A 120 28.65 -16.02 -5.85
N VAL A 121 27.88 -15.34 -6.71
CA VAL A 121 27.45 -13.98 -6.43
C VAL A 121 26.52 -13.93 -5.23
N ARG A 122 25.57 -14.88 -5.17
CA ARG A 122 24.64 -14.92 -4.04
C ARG A 122 25.37 -15.19 -2.73
N ASP A 123 26.39 -16.06 -2.74
CA ASP A 123 27.12 -16.32 -1.50
C ASP A 123 27.83 -15.06 -1.03
N GLU A 124 28.37 -14.26 -1.95
CA GLU A 124 29.05 -13.03 -1.58
C GLU A 124 28.06 -11.96 -1.12
N MET A 125 26.86 -11.89 -1.70
CA MET A 125 25.81 -11.00 -1.19
C MET A 125 25.50 -11.29 0.27
N LEU A 126 25.47 -12.57 0.64
CA LEU A 126 25.11 -12.96 1.99
C LEU A 126 26.26 -12.74 2.96
N GLN A 127 27.49 -13.07 2.54
CA GLN A 127 28.64 -12.98 3.43
C GLN A 127 28.96 -11.53 3.76
N LYS A 128 28.91 -10.63 2.77
CA LYS A 128 29.28 -9.24 2.99
C LYS A 128 28.13 -8.38 3.51
N PHE A 129 26.92 -8.57 2.97
CA PHE A 129 25.84 -7.60 3.13
C PHE A 129 24.60 -8.14 3.81
N ASN A 130 24.61 -9.39 4.27
CA ASN A 130 23.43 -10.02 4.89
C ASN A 130 22.22 -10.07 3.96
N TRP A 131 22.46 -10.21 2.65
CA TRP A 131 21.39 -10.32 1.66
C TRP A 131 21.25 -11.80 1.27
N ARG A 132 20.13 -12.40 1.64
CA ARG A 132 19.83 -13.77 1.22
C ARG A 132 18.86 -13.70 0.05
N ALA A 133 19.33 -14.08 -1.13
CA ALA A 133 18.49 -14.05 -2.32
C ALA A 133 17.64 -15.30 -2.34
N LEU A 134 16.32 -15.14 -2.39
CA LEU A 134 15.43 -16.30 -2.31
C LEU A 134 15.00 -16.83 -3.67
N ASP A 135 15.08 -16.03 -4.72
CA ASP A 135 14.43 -16.33 -5.99
C ASP A 135 14.63 -15.15 -6.93
N THR A 136 14.51 -15.42 -8.23
CA THR A 136 14.56 -14.38 -9.24
C THR A 136 13.27 -14.46 -10.06
N TRP A 137 12.61 -13.32 -10.23
CA TRP A 137 11.34 -13.22 -10.94
C TRP A 137 11.54 -12.46 -12.23
N TYR A 138 11.00 -12.98 -13.32
CA TYR A 138 11.07 -12.29 -14.61
C TYR A 138 10.35 -10.95 -14.53
N ASN A 139 11.02 -9.88 -14.97
CA ASN A 139 10.38 -8.58 -14.87
C ASN A 139 10.32 -7.84 -16.21
N GLY A 140 10.45 -8.55 -17.32
CA GLY A 140 10.17 -7.97 -18.62
C GLY A 140 11.41 -7.69 -19.44
N THR A 141 11.25 -7.75 -20.76
CA THR A 141 12.31 -7.55 -21.74
C THR A 141 12.10 -6.21 -22.44
N ALA A 142 13.15 -5.39 -22.48
CA ALA A 142 13.03 -4.06 -23.09
C ALA A 142 12.91 -4.18 -24.60
N GLU A 143 12.14 -3.28 -25.20
CA GLU A 143 11.95 -3.19 -26.64
C GLU A 143 12.10 -1.73 -27.07
N THR A 144 11.99 -1.44 -28.36
CA THR A 144 12.36 -0.13 -28.90
C THR A 144 11.20 0.47 -29.69
N THR A 145 10.65 1.58 -29.20
CA THR A 145 9.66 2.34 -29.96
C THR A 145 10.34 3.44 -30.77
N SER A 146 9.62 3.99 -31.75
CA SER A 146 10.24 4.96 -32.65
C SER A 146 9.19 5.60 -33.54
N ASN A 147 9.56 6.76 -34.10
CA ASN A 147 8.67 7.51 -34.99
C ASN A 147 8.85 7.13 -36.45
N ARG A 148 9.70 6.15 -36.76
CA ARG A 148 9.88 5.60 -38.09
C ARG A 148 10.23 4.13 -37.96
N PRO A 149 10.03 3.32 -39.00
CA PRO A 149 10.21 1.86 -38.84
C PRO A 149 11.66 1.46 -38.59
N LEU A 150 11.82 0.43 -37.75
CA LEU A 150 13.10 -0.17 -37.37
C LEU A 150 13.10 -1.63 -37.84
N ASN A 151 13.44 -1.84 -39.12
CA ASN A 151 13.44 -3.16 -39.72
C ASN A 151 14.76 -3.90 -39.57
N SER A 152 15.86 -3.17 -39.35
CA SER A 152 17.17 -3.78 -39.20
C SER A 152 18.05 -2.83 -38.41
N ILE A 153 19.21 -3.32 -37.98
CA ILE A 153 20.15 -2.47 -37.26
C ILE A 153 20.53 -1.26 -38.11
N GLU A 154 20.55 -1.41 -39.43
CA GLU A 154 20.85 -0.29 -40.31
C GLU A 154 19.97 0.91 -40.02
N ASP A 155 18.75 0.68 -39.53
CA ASP A 155 17.83 1.78 -39.32
C ASP A 155 18.19 2.63 -38.09
N PHE A 156 19.01 2.13 -37.17
CA PHE A 156 19.31 2.97 -36.02
C PHE A 156 20.25 4.10 -36.35
N LYS A 157 20.96 4.03 -37.48
CA LYS A 157 21.84 5.12 -37.89
C LYS A 157 21.03 6.41 -37.98
N GLY A 158 21.49 7.44 -37.27
CA GLY A 158 20.78 8.70 -37.23
C GLY A 158 19.53 8.71 -36.36
N LEU A 159 19.29 7.67 -35.58
CA LEU A 159 18.16 7.64 -34.67
C LEU A 159 18.59 8.26 -33.35
N LYS A 160 17.93 9.33 -32.95
CA LYS A 160 18.15 9.90 -31.63
C LYS A 160 17.26 9.13 -30.66
N LEU A 161 17.89 8.19 -29.98
CA LEU A 161 17.21 7.22 -29.13
C LEU A 161 17.38 7.66 -27.68
N ARG A 162 16.27 8.02 -27.04
CA ARG A 162 16.32 8.34 -25.62
C ARG A 162 16.77 7.12 -24.83
N VAL A 163 17.60 7.37 -23.83
CA VAL A 163 18.18 6.34 -22.98
C VAL A 163 18.40 6.97 -21.61
N PRO A 164 18.14 6.27 -20.50
CA PRO A 164 18.41 6.85 -19.19
C PRO A 164 19.91 6.92 -18.91
N ASN A 165 20.25 7.58 -17.80
CA ASN A 165 21.66 7.78 -17.45
C ASN A 165 22.42 6.47 -17.23
N ALA A 166 21.74 5.33 -17.24
CA ALA A 166 22.39 4.07 -16.92
C ALA A 166 23.38 3.67 -18.01
N LYS A 167 24.50 3.12 -17.58
CA LYS A 167 25.60 2.80 -18.47
C LYS A 167 25.21 1.77 -19.53
N GLN A 168 24.49 0.72 -19.14
CA GLN A 168 24.20 -0.35 -20.10
C GLN A 168 23.16 0.08 -21.12
N ASN A 169 22.14 0.85 -20.70
CA ASN A 169 21.21 1.42 -21.66
C ASN A 169 21.95 2.27 -22.69
N LEU A 170 22.90 3.09 -22.22
CA LEU A 170 23.68 3.93 -23.12
C LEU A 170 24.54 3.08 -24.05
N ASN A 171 25.15 2.02 -23.51
CA ASN A 171 25.90 1.08 -24.33
C ASN A 171 25.04 0.52 -25.45
N TYR A 172 23.78 0.20 -25.15
CA TYR A 172 22.88 -0.34 -26.17
C TYR A 172 22.70 0.63 -27.32
N ALA A 173 22.28 1.86 -27.01
CA ALA A 173 21.96 2.84 -28.04
C ALA A 173 23.17 3.15 -28.90
N LYS A 174 24.34 3.35 -28.28
CA LYS A 174 25.53 3.73 -29.05
C LYS A 174 26.07 2.58 -29.87
N LEU A 175 26.32 1.42 -29.23
CA LEU A 175 26.83 0.27 -29.96
C LEU A 175 25.88 -0.23 -31.04
N SER A 176 24.61 0.19 -31.01
CA SER A 176 23.69 -0.15 -32.07
C SER A 176 23.76 0.80 -33.26
N GLY A 177 24.53 1.88 -33.17
CA GLY A 177 24.64 2.83 -34.24
C GLY A 177 23.76 4.06 -34.09
N ALA A 178 22.81 4.02 -33.17
CA ALA A 178 22.00 5.19 -32.87
C ALA A 178 22.84 6.23 -32.13
N SER A 179 22.24 7.37 -31.85
CA SER A 179 22.89 8.41 -31.06
C SER A 179 22.13 8.62 -29.75
N PRO A 180 22.69 8.20 -28.62
CA PRO A 180 21.94 8.23 -27.37
C PRO A 180 21.69 9.65 -26.93
N THR A 181 20.50 9.87 -26.36
CA THR A 181 20.13 11.15 -25.75
C THR A 181 19.77 10.82 -24.32
N PRO A 182 20.72 10.85 -23.39
CA PRO A 182 20.37 10.60 -21.98
C PRO A 182 19.28 11.56 -21.54
N MET A 183 18.41 11.08 -20.65
CA MET A 183 17.29 11.94 -20.31
C MET A 183 16.53 11.37 -19.13
N SER A 184 16.02 12.25 -18.28
CA SER A 184 15.20 11.79 -17.17
C SER A 184 13.85 11.25 -17.68
N PHE A 185 13.33 10.27 -16.94
CA PHE A 185 12.12 9.55 -17.34
C PHE A 185 10.93 10.48 -17.53
N SER A 186 10.76 11.47 -16.66
CA SER A 186 9.55 12.28 -16.69
C SER A 186 9.45 13.12 -17.97
N GLU A 187 10.51 13.20 -18.76
CA GLU A 187 10.53 14.07 -19.92
C GLU A 187 10.51 13.29 -21.22
N VAL A 188 10.31 11.97 -21.16
CA VAL A 188 10.40 11.15 -22.36
C VAL A 188 9.17 11.36 -23.24
N TYR A 189 7.98 11.34 -22.65
CA TYR A 189 6.75 11.34 -23.45
C TYR A 189 6.70 12.56 -24.36
C R1A A 190 7.94 15.05 -25.57
CA R1A A 190 6.90 14.96 -24.48
N R1A A 190 6.94 13.73 -23.76
CB R1A A 190 7.09 16.14 -23.52
SG R1A A 190 5.55 16.60 -22.82
SD R1A A 190 4.55 17.48 -24.42
CE R1A A 190 5.61 18.57 -25.32
C3 R1A A 190 6.71 19.33 -24.69
C2 R1A A 190 7.74 20.05 -25.57
C9 R1A A 190 8.76 19.17 -26.26
C8 R1A A 190 7.08 20.97 -26.59
C4 R1A A 190 6.93 19.52 -23.37
C5 R1A A 190 8.16 20.37 -23.09
C7 R1A A 190 7.92 21.57 -22.19
C6 R1A A 190 9.26 19.49 -22.48
N1 R1A A 190 8.47 20.93 -24.52
O1 R1A A 190 9.13 21.85 -24.77
O R1A A 190 7.73 15.51 -26.69
N ALA A 191 9.13 14.56 -25.21
CA ALA A 191 10.25 14.53 -26.12
C ALA A 191 9.88 13.80 -27.41
N LEU A 192 9.07 12.73 -27.26
CA LEU A 192 8.59 11.92 -28.37
C LEU A 192 7.36 12.51 -29.07
N GLN A 193 6.45 13.17 -28.33
CA GLN A 193 5.22 13.70 -28.95
C GLN A 193 5.53 14.81 -29.94
N THR A 194 6.48 15.68 -29.59
CA THR A 194 6.92 16.75 -30.47
C THR A 194 8.06 16.32 -31.38
N ASN A 195 8.44 15.03 -31.33
CA ASN A 195 9.56 14.48 -32.08
C ASN A 195 10.87 15.22 -31.79
N ALA A 196 10.97 15.87 -30.63
CA ALA A 196 12.25 16.35 -30.14
C ALA A 196 13.26 15.21 -30.01
N VAL A 197 12.77 13.97 -29.90
CA VAL A 197 13.60 12.76 -29.92
C VAL A 197 12.87 11.73 -30.78
N ASP A 198 13.62 10.77 -31.32
CA ASP A 198 13.09 9.84 -32.31
C ASP A 198 12.43 8.60 -31.69
N GLY A 199 12.98 8.08 -30.60
CA GLY A 199 12.42 6.92 -29.96
C GLY A 199 12.95 6.75 -28.55
N GLN A 200 12.50 5.67 -27.91
CA GLN A 200 12.97 5.28 -26.58
C GLN A 200 12.97 3.76 -26.50
N GLU A 201 13.43 3.23 -25.35
CA GLU A 201 13.45 1.79 -25.10
C GLU A 201 13.13 1.49 -23.63
N ASN A 202 12.32 0.45 -23.41
CA ASN A 202 11.67 0.00 -22.18
C ASN A 202 10.81 -1.24 -22.40
N PRO A 203 10.59 -2.03 -21.34
CA PRO A 203 9.63 -3.14 -21.42
C PRO A 203 8.25 -2.64 -21.80
N LEU A 204 7.48 -3.55 -22.39
CA LEU A 204 6.16 -3.19 -22.90
C LEU A 204 5.23 -2.64 -21.82
N PRO A 205 5.18 -3.19 -20.59
CA PRO A 205 4.33 -2.56 -19.56
C PRO A 205 4.64 -1.10 -19.30
N THR A 206 5.92 -0.72 -19.27
CA THR A 206 6.27 0.69 -19.10
C THR A 206 5.79 1.53 -20.28
N ILE A 207 5.93 1.01 -21.50
CA ILE A 207 5.46 1.74 -22.68
C ILE A 207 3.94 1.96 -22.60
N LYS A 208 3.20 0.93 -22.20
CA LYS A 208 1.75 1.06 -22.03
C LYS A 208 1.40 2.07 -20.92
N THR A 209 2.00 1.89 -19.73
CA THR A 209 1.64 2.73 -18.59
C THR A 209 1.95 4.19 -18.84
N MET A 210 3.07 4.47 -19.50
CA MET A 210 3.44 5.85 -19.76
C MET A 210 2.76 6.38 -21.01
N LYS A 211 1.98 5.54 -21.70
CA LYS A 211 1.27 5.91 -22.93
C LYS A 211 2.22 6.39 -24.02
N PHE A 212 3.50 5.96 -23.94
CA PHE A 212 4.44 6.24 -25.02
C PHE A 212 3.92 5.75 -26.37
N TYR A 213 3.01 4.77 -26.37
CA TYR A 213 2.56 4.20 -27.63
C TYR A 213 1.82 5.22 -28.47
N GLU A 214 1.08 6.14 -27.85
CA GLU A 214 0.32 7.10 -28.64
C GLU A 214 1.19 8.19 -29.26
N VAL A 215 2.46 8.29 -28.87
CA VAL A 215 3.41 9.22 -29.49
C VAL A 215 4.47 8.50 -30.31
N GLN A 216 4.27 7.20 -30.59
CA GLN A 216 5.22 6.37 -31.32
C GLN A 216 4.44 5.48 -32.27
N LYS A 217 4.74 5.58 -33.57
CA LYS A 217 4.01 4.82 -34.56
C LYS A 217 4.60 3.43 -34.81
N ASN A 218 5.79 3.14 -34.27
CA ASN A 218 6.47 1.88 -34.54
C ASN A 218 7.02 1.28 -33.24
N LEU A 219 7.07 -0.05 -33.22
CA LEU A 219 7.67 -0.83 -32.14
C LEU A 219 8.53 -1.93 -32.76
N ALA A 220 9.78 -2.01 -32.33
CA ALA A 220 10.68 -3.07 -32.79
C ALA A 220 10.97 -3.99 -31.62
N MET A 221 10.87 -5.30 -31.85
CA MET A 221 11.14 -6.29 -30.81
C MET A 221 12.64 -6.59 -30.81
N THR A 222 13.40 -5.65 -30.25
CA THR A 222 14.85 -5.76 -30.17
C THR A 222 15.32 -6.70 -29.07
N HIS A 223 14.49 -7.02 -28.08
CA HIS A 223 14.85 -7.97 -27.00
C HIS A 223 16.25 -7.67 -26.44
N HIS A 224 16.56 -6.40 -26.20
CA HIS A 224 17.95 -6.06 -25.93
C HIS A 224 18.34 -6.15 -24.45
N ILE A 225 17.40 -6.17 -23.52
CA ILE A 225 17.72 -6.31 -22.10
C ILE A 225 16.63 -7.16 -21.47
N VAL A 226 16.99 -8.30 -20.90
CA VAL A 226 16.06 -9.13 -20.14
C VAL A 226 16.21 -8.77 -18.67
N ASN A 227 15.11 -8.32 -18.04
CA ASN A 227 15.14 -7.87 -16.65
C ASN A 227 14.57 -8.92 -15.71
N ASP A 228 15.01 -8.85 -14.46
CA ASP A 228 14.45 -9.65 -13.40
C ASP A 228 14.26 -8.78 -12.17
N GLN A 229 13.64 -9.35 -11.14
CA GLN A 229 13.74 -8.85 -9.78
C GLN A 229 14.07 -10.03 -8.89
N MET A 230 15.15 -9.94 -8.13
CA MET A 230 15.35 -10.92 -7.08
C MET A 230 14.52 -10.54 -5.86
N VAL A 231 14.09 -11.55 -5.13
CA VAL A 231 13.48 -11.35 -3.83
C VAL A 231 14.56 -11.62 -2.79
N ILE A 232 14.96 -10.59 -2.05
CA ILE A 232 16.02 -10.67 -1.06
C ILE A 232 15.43 -10.51 0.32
N ILE A 233 15.88 -11.34 1.27
CA ILE A 233 15.50 -11.23 2.66
C ILE A 233 16.73 -10.97 3.51
N SER A 234 16.58 -10.12 4.53
CA SER A 234 17.66 -9.82 5.44
C SER A 234 18.09 -11.07 6.20
N GLU A 235 19.40 -11.33 6.21
CA GLU A 235 19.87 -12.55 6.86
C GLU A 235 19.62 -12.51 8.36
N SER A 236 19.65 -11.32 8.97
CA SER A 236 19.37 -11.26 10.40
C SER A 236 17.92 -11.62 10.68
N THR A 237 16.99 -11.20 9.81
CA THR A 237 15.61 -11.64 9.93
C THR A 237 15.49 -13.14 9.74
N TRP A 238 16.21 -13.69 8.76
CA TRP A 238 16.10 -15.09 8.40
C TRP A 238 16.50 -16.00 9.55
N GLN A 239 17.62 -15.69 10.21
CA GLN A 239 18.10 -16.60 11.24
C GLN A 239 17.21 -16.62 12.47
N LYS A 240 16.39 -15.58 12.67
CA LYS A 240 15.42 -15.57 13.75
C LYS A 240 14.26 -16.53 13.52
N LEU A 241 14.10 -17.07 12.31
CA LEU A 241 12.92 -17.86 11.98
C LEU A 241 13.10 -19.34 12.29
N SER A 242 12.00 -19.97 12.69
CA SER A 242 11.98 -21.42 12.81
C SER A 242 12.11 -22.05 11.44
N ASP A 243 12.58 -23.30 11.41
CA ASP A 243 12.69 -23.99 10.13
C ASP A 243 11.34 -24.15 9.46
N THR A 244 10.24 -24.16 10.22
CA THR A 244 8.91 -24.18 9.62
C THR A 244 8.63 -22.88 8.87
N ASP A 245 8.91 -21.74 9.49
CA ASP A 245 8.64 -20.45 8.86
C ASP A 245 9.57 -20.22 7.68
N LYS A 246 10.84 -20.62 7.80
CA LYS A 246 11.76 -20.54 6.68
C LYS A 246 11.19 -21.26 5.46
N ASP A 247 10.64 -22.46 5.66
CA ASP A 247 10.13 -23.24 4.55
C ASP A 247 8.88 -22.62 3.95
N ILE A 248 8.00 -22.08 4.80
CA ILE A 248 6.82 -21.38 4.30
C ILE A 248 7.24 -20.22 3.42
N ILE A 249 8.27 -19.49 3.83
CA ILE A 249 8.69 -18.33 3.07
C ILE A 249 9.27 -18.76 1.74
N GLN A 250 10.16 -19.76 1.76
CA GLN A 250 10.78 -20.21 0.52
C GLN A 250 9.72 -20.71 -0.47
N LYS A 251 8.74 -21.49 0.01
CA LYS A 251 7.70 -22.01 -0.86
C LYS A 251 6.75 -20.91 -1.31
N ALA A 252 6.43 -19.97 -0.44
CA ALA A 252 5.54 -18.88 -0.84
C ALA A 252 6.19 -18.04 -1.94
N VAL A 253 7.49 -17.77 -1.81
CA VAL A 253 8.20 -16.94 -2.78
C VAL A 253 8.30 -17.64 -4.12
N GLN A 254 8.62 -18.94 -4.11
CA GLN A 254 8.66 -19.71 -5.35
C GLN A 254 7.31 -19.67 -6.06
N LYS A 255 6.23 -19.91 -5.31
CA LYS A 255 4.90 -19.98 -5.89
C LYS A 255 4.50 -18.64 -6.49
N VAL A 256 4.72 -17.55 -5.74
CA VAL A 256 4.37 -16.24 -6.24
C VAL A 256 5.27 -15.86 -7.42
N GLY A 257 6.53 -16.30 -7.38
CA GLY A 257 7.46 -16.00 -8.46
C GLY A 257 7.07 -16.65 -9.79
N ASP A 258 6.65 -17.93 -9.73
CA ASP A 258 6.12 -18.59 -10.93
C ASP A 258 4.94 -17.82 -11.48
N ALA A 259 4.01 -17.40 -10.61
CA ALA A 259 2.87 -16.62 -11.06
C ALA A 259 3.29 -15.26 -11.58
N HIS A 260 4.25 -14.60 -10.92
CA HIS A 260 4.71 -13.30 -11.39
C HIS A 260 5.36 -13.43 -12.76
N THR A 261 6.25 -14.40 -12.91
CA THR A 261 6.94 -14.61 -14.18
C THR A 261 5.93 -14.90 -15.30
N GLN A 262 4.98 -15.81 -15.03
CA GLN A 262 3.94 -16.14 -15.99
C GLN A 262 3.07 -14.93 -16.31
N THR A 263 2.78 -14.09 -15.32
CA THR A 263 1.99 -12.88 -15.55
C THR A 263 2.71 -11.90 -16.47
N VAL A 264 4.02 -11.71 -16.28
CA VAL A 264 4.74 -10.78 -17.14
C VAL A 264 4.74 -11.27 -18.59
N LYS A 265 5.00 -12.57 -18.79
CA LYS A 265 4.92 -13.16 -20.13
C LYS A 265 3.52 -12.98 -20.73
N THR A 266 2.48 -13.13 -19.91
CA THR A 266 1.11 -12.93 -20.40
C THR A 266 0.89 -11.48 -20.82
N GLN A 267 1.32 -10.53 -19.97
CA GLN A 267 1.16 -9.12 -20.28
C GLN A 267 1.90 -8.73 -21.54
N GLU A 268 3.09 -9.31 -21.76
CA GLU A 268 3.84 -8.93 -22.94
C GLU A 268 3.09 -9.34 -24.20
N ALA A 269 2.43 -10.49 -24.16
CA ALA A 269 1.68 -10.97 -25.31
C ALA A 269 0.46 -10.10 -25.56
N GLU A 270 -0.21 -9.68 -24.48
CA GLU A 270 -1.38 -8.80 -24.63
C GLU A 270 -0.98 -7.42 -25.13
N LEU A 271 0.14 -6.88 -24.65
CA LEU A 271 0.54 -5.53 -25.05
C LEU A 271 0.96 -5.47 -26.52
N VAL A 272 1.69 -6.49 -27.01
CA VAL A 272 2.00 -6.55 -28.44
C VAL A 272 0.73 -6.47 -29.26
N SER A 273 -0.29 -7.25 -28.89
CA SER A 273 -1.56 -7.20 -29.61
C SER A 273 -2.28 -5.89 -29.38
N PHE A 274 -2.16 -5.32 -28.18
CA PHE A 274 -2.77 -4.02 -27.94
C PHE A 274 -2.12 -2.95 -28.80
N PHE A 275 -0.78 -2.97 -28.89
CA PHE A 275 -0.09 -1.97 -29.69
C PHE A 275 -0.43 -2.12 -31.17
N LYS A 276 -0.49 -3.35 -31.68
CA LYS A 276 -0.96 -3.54 -33.05
C LYS A 276 -2.37 -3.01 -33.23
N SER A 277 -3.25 -3.28 -32.27
CA SER A 277 -4.63 -2.86 -32.40
C SER A 277 -4.76 -1.33 -32.42
N GLU A 278 -3.79 -0.63 -31.83
CA GLU A 278 -3.80 0.83 -31.84
C GLU A 278 -3.22 1.41 -33.12
N GLY A 279 -2.80 0.59 -34.07
CA GLY A 279 -2.23 1.03 -35.32
C GLY A 279 -0.72 1.07 -35.36
N ILE A 280 -0.04 0.61 -34.31
CA ILE A 280 1.41 0.62 -34.29
C ILE A 280 1.95 -0.50 -35.17
N ASN A 281 3.01 -0.19 -35.89
CA ASN A 281 3.72 -1.13 -36.76
C ASN A 281 4.78 -1.85 -35.92
N VAL A 282 4.62 -3.16 -35.77
CA VAL A 282 5.49 -3.97 -34.92
C VAL A 282 6.42 -4.78 -35.81
N THR A 283 7.72 -4.55 -35.68
CA THR A 283 8.72 -5.26 -36.48
C THR A 283 9.54 -6.19 -35.59
N TYR A 284 10.07 -7.25 -36.21
CA TYR A 284 10.93 -8.23 -35.54
C TYR A 284 12.26 -8.25 -36.28
N PRO A 285 13.12 -7.26 -36.05
CA PRO A 285 14.39 -7.23 -36.79
C PRO A 285 15.28 -8.38 -36.37
N ASP A 286 16.12 -8.81 -37.31
CA ASP A 286 17.17 -9.78 -37.04
C ASP A 286 18.03 -9.27 -35.89
N LEU A 287 18.16 -10.09 -34.85
CA LEU A 287 18.89 -9.68 -33.65
C LEU A 287 20.36 -10.02 -33.70
N GLU A 288 20.79 -10.89 -34.62
CA GLU A 288 22.21 -11.25 -34.66
C GLU A 288 23.12 -10.07 -34.91
N PRO A 289 22.85 -9.15 -35.84
CA PRO A 289 23.75 -7.99 -35.98
C PRO A 289 23.79 -7.09 -34.74
N PHE A 290 22.80 -7.19 -33.85
CA PHE A 290 22.89 -6.49 -32.57
C PHE A 290 23.81 -7.24 -31.61
N ARG A 291 23.69 -8.56 -31.55
CA ARG A 291 24.56 -9.33 -30.65
C ARG A 291 26.01 -9.22 -31.06
N GLU A 292 26.30 -9.13 -32.36
CA GLU A 292 27.69 -8.96 -32.78
C GLU A 292 28.18 -7.55 -32.48
N ALA A 293 27.31 -6.55 -32.63
CA ALA A 293 27.71 -5.18 -32.32
C ALA A 293 28.10 -5.01 -30.86
N MET A 294 27.61 -5.89 -29.96
CA MET A 294 27.96 -5.84 -28.55
C MET A 294 29.26 -6.58 -28.22
N GLN A 295 29.86 -7.26 -29.19
CA GLN A 295 31.03 -8.07 -28.90
C GLN A 295 32.21 -7.29 -28.34
N PRO A 296 32.57 -6.11 -28.87
CA PRO A 296 33.64 -5.35 -28.19
C PRO A 296 33.28 -4.95 -26.78
N LEU A 297 31.99 -4.72 -26.50
CA LEU A 297 31.58 -4.39 -25.13
C LEU A 297 31.92 -5.53 -24.19
N TYR A 298 31.76 -6.76 -24.68
CA TYR A 298 31.88 -7.96 -23.85
C TYR A 298 33.34 -8.24 -23.47
N LYS A 299 34.23 -8.33 -24.46
CA LYS A 299 35.61 -8.68 -24.17
C LYS A 299 36.33 -7.57 -23.41
N GLU A 300 35.90 -6.32 -23.61
CA GLU A 300 36.28 -5.23 -22.70
C GLU A 300 36.00 -5.60 -21.26
N PHE A 301 34.75 -5.98 -20.96
CA PHE A 301 34.35 -6.33 -19.61
C PHE A 301 35.19 -7.49 -19.08
N ASP A 302 35.28 -8.57 -19.85
CA ASP A 302 36.08 -9.72 -19.44
C ASP A 302 37.54 -9.36 -19.22
N SER A 303 38.02 -8.27 -19.84
CA SER A 303 39.43 -7.91 -19.73
C SER A 303 39.71 -7.15 -18.43
N ASN A 304 38.92 -6.11 -18.13
CA ASN A 304 39.17 -5.31 -16.94
C ASN A 304 39.02 -6.14 -15.67
N ILE A 305 37.89 -6.83 -15.54
CA ILE A 305 37.70 -7.75 -14.41
C ILE A 305 38.76 -8.84 -14.43
N GLY A 306 39.29 -9.18 -15.60
CA GLY A 306 40.37 -10.12 -15.72
C GLY A 306 39.95 -11.56 -15.91
N GLN A 307 38.67 -11.87 -15.72
CA GLN A 307 38.12 -13.21 -15.90
C GLN A 307 37.12 -13.22 -17.06
N PRO A 308 36.94 -14.36 -17.73
CA PRO A 308 36.00 -14.42 -18.87
C PRO A 308 34.55 -14.54 -18.42
N ILE A 309 34.07 -13.53 -17.68
CA ILE A 309 32.74 -13.63 -17.06
C ILE A 309 31.66 -13.68 -18.12
N VAL A 310 31.73 -12.79 -19.11
CA VAL A 310 30.66 -12.68 -20.09
C VAL A 310 30.60 -13.93 -20.97
N SER A 311 31.75 -14.40 -21.44
CA SER A 311 31.73 -15.58 -22.31
C SER A 311 31.21 -16.80 -21.56
N LYS A 312 31.61 -16.98 -20.29
CA LYS A 312 31.03 -18.01 -19.45
C LYS A 312 29.50 -17.93 -19.45
N LEU A 313 28.96 -16.70 -19.25
CA LEU A 313 27.52 -16.53 -19.14
C LEU A 313 26.79 -16.84 -20.44
N ALA A 314 27.39 -16.49 -21.59
CA ALA A 314 26.71 -16.71 -22.86
C ALA A 314 26.54 -18.19 -23.18
N ALA A 315 27.37 -19.07 -22.62
CA ALA A 315 27.29 -20.49 -22.92
C ALA A 315 26.41 -21.27 -21.93
N MET A 316 25.72 -20.58 -21.03
CA MET A 316 24.93 -21.27 -20.01
C MET A 316 23.50 -21.56 -20.47
N ASP B 1 14.99 10.02 -12.40
CA ASP B 1 16.26 9.30 -12.40
C ASP B 1 16.10 7.83 -12.83
N TYR B 2 15.09 7.14 -12.31
CA TYR B 2 14.79 5.76 -12.67
C TYR B 2 13.54 5.70 -13.55
N ASP B 3 13.49 4.70 -14.43
CA ASP B 3 12.36 4.50 -15.34
C ASP B 3 11.30 3.65 -14.66
N ILE B 4 10.67 4.24 -13.65
CA ILE B 4 9.70 3.55 -12.81
C ILE B 4 8.43 4.37 -12.72
N PRO B 5 7.31 3.90 -13.26
CA PRO B 5 6.06 4.66 -13.20
C PRO B 5 5.68 4.99 -11.77
N THR B 6 5.09 6.17 -11.58
CA THR B 6 4.64 6.63 -10.28
C THR B 6 3.22 6.14 -9.99
N THR B 7 2.80 6.33 -8.74
CA THR B 7 1.43 6.05 -8.35
C THR B 7 0.45 6.88 -9.18
N GLU B 8 0.77 8.16 -9.38
CA GLU B 8 -0.02 9.00 -10.27
C GLU B 8 -0.10 8.40 -11.67
N ASN B 9 1.02 7.88 -12.19
CA ASN B 9 1.01 7.33 -13.55
C ASN B 9 0.09 6.13 -13.65
N LEU B 10 0.04 5.30 -12.60
CA LEU B 10 -0.68 4.04 -12.65
C LEU B 10 -2.15 4.17 -12.26
N TYR B 11 -2.53 5.30 -11.66
CA TYR B 11 -3.82 5.39 -10.98
C TYR B 11 -4.97 5.11 -11.93
N PHE B 12 -4.92 5.66 -13.14
CA PHE B 12 -6.01 5.53 -14.09
C PHE B 12 -5.80 4.41 -15.10
N GLN B 13 -4.80 3.55 -14.87
CA GLN B 13 -4.59 2.41 -15.75
C GLN B 13 -5.57 1.29 -15.43
N GLY B 14 -6.25 0.78 -16.47
CA GLY B 14 -7.24 -0.26 -16.30
C GLY B 14 -6.72 -1.66 -16.54
N ALA B 15 -7.43 -2.63 -15.97
CA ALA B 15 -7.18 -4.04 -16.21
C ALA B 15 -8.17 -4.56 -17.25
N MET B 16 -7.73 -5.52 -18.04
CA MET B 16 -8.54 -6.01 -19.14
C MET B 16 -9.43 -7.15 -18.68
N GLY B 17 -10.72 -7.06 -19.01
CA GLY B 17 -11.71 -8.00 -18.52
C GLY B 17 -12.09 -7.81 -17.07
N ALA B 18 -11.35 -7.00 -16.32
CA ALA B 18 -11.56 -6.79 -14.90
C ALA B 18 -11.87 -5.33 -14.61
N THR B 19 -12.70 -5.13 -13.60
CA THR B 19 -13.14 -3.81 -13.15
C THR B 19 -12.25 -3.37 -11.98
N THR B 20 -11.38 -2.38 -12.22
CA THR B 20 -10.43 -1.91 -11.21
C THR B 20 -11.08 -0.86 -10.32
N LEU B 21 -11.25 -1.19 -9.05
CA LEU B 21 -11.79 -0.26 -8.07
C LEU B 21 -10.65 0.34 -7.28
N LYS B 22 -10.77 1.63 -6.97
CA LYS B 22 -9.74 2.37 -6.25
C LYS B 22 -10.31 2.79 -4.91
N MET B 23 -9.59 2.48 -3.84
CA MET B 23 -10.00 2.77 -2.47
C MET B 23 -8.98 3.66 -1.78
N GLY B 24 -9.44 4.80 -1.25
CA GLY B 24 -8.60 5.69 -0.46
C GLY B 24 -8.99 5.69 1.01
N MET B 25 -8.02 5.99 1.86
CA MET B 25 -8.26 6.01 3.31
C MET B 25 -7.18 6.85 3.96
N GLN B 26 -7.52 7.44 5.11
CA GLN B 26 -6.55 8.20 5.88
C GLN B 26 -5.63 7.31 6.70
N ALA B 27 -6.14 6.16 7.17
CA ALA B 27 -5.33 5.25 7.97
C ALA B 27 -4.11 4.78 7.19
N SER B 28 -3.07 4.41 7.92
CA SER B 28 -1.77 4.16 7.31
C SER B 28 -1.51 2.65 7.21
N VAL B 29 -0.50 2.30 6.41
CA VAL B 29 -0.03 0.93 6.33
C VAL B 29 0.24 0.41 7.72
N GLY B 30 -0.31 -0.76 8.04
CA GLY B 30 -0.17 -1.39 9.32
C GLY B 30 -1.39 -1.24 10.22
N SER B 31 -2.29 -0.32 9.91
CA SER B 31 -3.48 -0.13 10.71
C SER B 31 -4.47 -1.26 10.46
N VAL B 32 -5.41 -1.42 11.40
CA VAL B 32 -6.47 -2.40 11.21
C VAL B 32 -7.33 -2.03 10.00
N GLU B 33 -7.60 -0.73 9.82
CA GLU B 33 -8.36 -0.26 8.67
C GLU B 33 -7.69 -0.66 7.36
N TYR B 34 -6.39 -0.41 7.27
CA TYR B 34 -5.64 -0.81 6.08
C TYR B 34 -5.66 -2.33 5.90
N ASN B 35 -5.47 -3.09 6.99
CA ASN B 35 -5.47 -4.54 6.86
C ASN B 35 -6.82 -5.07 6.41
N SER B 36 -7.91 -4.49 6.91
CA SER B 36 -9.22 -4.95 6.48
C SER B 36 -9.45 -4.62 5.00
N ALA B 37 -8.87 -3.51 4.55
CA ALA B 37 -9.01 -3.11 3.15
C ALA B 37 -8.29 -4.09 2.24
N LYS B 38 -7.11 -4.58 2.66
CA LYS B 38 -6.44 -5.63 1.91
C LYS B 38 -7.25 -6.92 1.87
N MET B 39 -7.94 -7.24 2.98
CA MET B 39 -8.80 -8.43 3.00
C MET B 39 -9.97 -8.24 2.05
N LEU B 40 -10.57 -7.05 2.04
CA LEU B 40 -11.62 -6.77 1.07
C LEU B 40 -11.11 -6.93 -0.35
N ALA B 41 -9.88 -6.48 -0.63
CA ALA B 41 -9.31 -6.64 -1.98
C ALA B 41 -9.12 -8.11 -2.33
N ASP B 42 -8.60 -8.91 -1.40
CA ASP B 42 -8.42 -10.34 -1.67
CA ASP B 42 -8.42 -10.33 -1.68
C ASP B 42 -9.76 -11.04 -1.86
N THR B 43 -10.75 -10.68 -1.04
CA THR B 43 -12.06 -11.31 -1.16
C THR B 43 -12.72 -10.98 -2.49
N LEU B 44 -12.67 -9.71 -2.90
CA LEU B 44 -13.23 -9.32 -4.20
C LEU B 44 -12.55 -10.06 -5.35
N GLU B 45 -11.22 -10.20 -5.28
CA GLU B 45 -10.52 -10.91 -6.34
C GLU B 45 -10.94 -12.37 -6.41
N GLU B 46 -11.14 -12.99 -5.25
CA GLU B 46 -11.52 -14.41 -5.25
C GLU B 46 -12.99 -14.60 -5.59
N MET B 47 -13.87 -13.79 -5.01
N MET B 47 -13.88 -13.77 -5.04
CA MET B 47 -15.29 -13.94 -5.26
CA MET B 47 -15.30 -14.00 -5.27
C MET B 47 -15.62 -13.67 -6.72
C MET B 47 -15.73 -13.59 -6.69
N SER B 48 -15.08 -12.59 -7.28
CA SER B 48 -15.26 -12.27 -8.69
C SER B 48 -14.39 -13.12 -9.59
N GLN B 49 -13.55 -13.97 -8.99
CA GLN B 49 -12.56 -14.80 -9.67
C GLN B 49 -11.84 -14.01 -10.77
N GLY B 50 -11.34 -12.86 -10.35
CA GLY B 50 -10.47 -12.01 -11.15
C GLY B 50 -11.15 -10.85 -11.81
N GLU B 51 -12.48 -10.78 -11.79
CA GLU B 51 -13.16 -9.75 -12.57
C GLU B 51 -13.34 -8.44 -11.82
N ILE B 52 -13.16 -8.43 -10.51
CA ILE B 52 -13.15 -7.21 -9.70
C ILE B 52 -11.82 -7.18 -8.96
N LYS B 53 -11.14 -6.05 -9.02
CA LYS B 53 -9.85 -5.88 -8.37
C LYS B 53 -9.84 -4.54 -7.64
N LEU B 54 -9.07 -4.48 -6.55
CA LEU B 54 -9.07 -3.34 -5.64
C LEU B 54 -7.66 -2.83 -5.40
N ALA B 55 -7.42 -1.56 -5.74
CA ALA B 55 -6.16 -0.89 -5.45
C ALA B 55 -6.36 0.03 -4.26
N LEU B 56 -5.38 0.07 -3.37
CA LEU B 56 -5.50 0.77 -2.09
C LEU B 56 -4.57 1.97 -2.04
N TYR B 57 -5.07 3.08 -1.51
CA TYR B 57 -4.31 4.33 -1.42
C TYR B 57 -4.40 4.85 0.01
N PRO B 58 -3.51 4.39 0.88
CA PRO B 58 -3.60 4.77 2.30
C PRO B 58 -2.86 6.06 2.64
N SER B 59 -2.85 6.38 3.94
CA SER B 59 -2.09 7.49 4.51
C SER B 59 -2.53 8.85 3.97
N ALA B 60 -3.79 8.97 3.53
CA ALA B 60 -4.29 10.23 2.96
C ALA B 60 -3.42 10.73 1.80
N GLN B 61 -2.80 9.81 1.05
CA GLN B 61 -2.00 10.28 -0.09
C GLN B 61 -2.87 10.90 -1.16
N LEU B 62 -4.16 10.58 -1.21
CA LEU B 62 -5.07 11.17 -2.16
C LEU B 62 -5.76 12.42 -1.63
N GLY B 63 -5.46 12.83 -0.40
CA GLY B 63 -6.16 13.88 0.29
C GLY B 63 -6.78 13.36 1.58
N ASP B 64 -7.39 14.28 2.33
CA ASP B 64 -8.07 13.87 3.55
C ASP B 64 -9.44 13.30 3.19
N ASP B 65 -10.23 12.96 4.22
CA ASP B 65 -11.51 12.31 3.95
C ASP B 65 -12.46 13.25 3.21
N ARG B 66 -12.45 14.55 3.55
CA ARG B 66 -13.28 15.50 2.80
C ARG B 66 -12.94 15.46 1.31
N ALA B 67 -11.65 15.48 0.98
CA ALA B 67 -11.25 15.45 -0.43
C ALA B 67 -11.59 14.10 -1.08
N MET B 68 -11.39 13.02 -0.35
CA MET B 68 -11.64 11.70 -0.89
C MET B 68 -13.14 11.49 -1.12
N LEU B 69 -13.96 11.95 -0.18
CA LEU B 69 -15.41 11.87 -0.35
C LEU B 69 -15.86 12.69 -1.57
N GLN B 70 -15.27 13.87 -1.77
CA GLN B 70 -15.61 14.64 -2.95
C GLN B 70 -15.25 13.86 -4.22
C R1A B 71 -14.68 11.24 -5.69
CA R1A B 71 -13.71 12.37 -5.33
N R1A B 71 -14.11 13.16 -4.19
CB R1A B 71 -12.33 11.73 -5.13
SG R1A B 71 -11.00 12.88 -5.21
SD R1A B 71 -9.31 11.80 -4.60
CE R1A B 71 -8.66 10.96 -6.01
C3 R1A B 71 -7.84 11.69 -7.01
C2 R1A B 71 -7.32 13.12 -6.87
C9 R1A B 71 -8.40 14.19 -7.04
C8 R1A B 71 -6.41 13.39 -5.68
C4 R1A B 71 -7.46 11.13 -8.16
C5 R1A B 71 -6.64 12.04 -9.03
C7 R1A B 71 -5.29 11.44 -9.42
C6 R1A B 71 -7.45 12.51 -10.24
N1 R1A B 71 -6.41 13.25 -8.11
O1 R1A B 71 -5.68 14.13 -8.32
O R1A B 71 -14.89 10.93 -6.87
N LEU B 72 -15.26 10.59 -4.67
CA LEU B 72 -16.40 9.71 -4.93
C LEU B 72 -17.58 10.44 -5.55
N THR B 73 -17.91 11.64 -5.07
CA THR B 73 -19.03 12.38 -5.66
C THR B 73 -18.83 12.56 -7.15
N LEU B 74 -17.58 12.82 -7.54
CA LEU B 74 -17.25 13.15 -8.92
C LEU B 74 -16.82 11.94 -9.75
N GLY B 75 -16.66 10.76 -9.14
CA GLY B 75 -16.30 9.58 -9.88
C GLY B 75 -14.82 9.30 -10.02
N ASP B 76 -13.95 10.11 -9.39
CA ASP B 76 -12.50 9.94 -9.49
C ASP B 76 -11.94 8.91 -8.51
N LEU B 77 -12.72 8.56 -7.49
CA LEU B 77 -12.35 7.54 -6.52
C LEU B 77 -13.58 6.66 -6.32
N ASP B 78 -13.35 5.37 -6.11
CA ASP B 78 -14.48 4.43 -6.04
C ASP B 78 -14.97 4.17 -4.63
N ILE B 79 -14.06 3.93 -3.68
CA ILE B 79 -14.41 3.52 -2.33
C ILE B 79 -13.60 4.33 -1.33
N THR B 80 -14.22 4.69 -0.22
CA THR B 80 -13.48 5.27 0.88
C THR B 80 -14.24 4.97 2.17
N TYR B 81 -13.59 5.30 3.28
CA TYR B 81 -14.13 5.20 4.64
C TYR B 81 -14.61 6.56 5.09
N ALA B 82 -15.69 6.56 5.88
CA ALA B 82 -16.11 7.76 6.59
C ALA B 82 -16.94 7.34 7.79
N GLU B 83 -16.71 7.99 8.91
CA GLU B 83 -17.48 7.73 10.11
C GLU B 83 -18.92 8.18 9.89
N PHE B 84 -19.86 7.34 10.34
CA PHE B 84 -21.28 7.71 10.35
C PHE B 84 -21.47 9.13 10.89
N GLY B 85 -20.90 9.43 12.06
CA GLY B 85 -21.05 10.75 12.63
C GLY B 85 -20.38 11.84 11.82
N ARG B 86 -19.36 11.47 11.02
CA ARG B 86 -18.66 12.44 10.19
C ARG B 86 -19.59 13.05 9.14
N MET B 87 -20.67 12.35 8.77
CA MET B 87 -21.66 12.89 7.86
C MET B 87 -22.30 14.18 8.39
N GLY B 88 -22.16 14.46 9.69
CA GLY B 88 -22.74 15.66 10.27
C GLY B 88 -22.23 16.94 9.65
N LEU B 89 -21.05 16.92 9.02
CA LEU B 89 -20.57 18.12 8.34
C LEU B 89 -21.50 18.50 7.19
N TRP B 90 -22.01 17.49 6.47
CA TRP B 90 -22.89 17.65 5.31
C TRP B 90 -24.36 17.54 5.67
N ILE B 91 -24.70 16.58 6.52
CA ILE B 91 -26.08 16.31 6.92
C ILE B 91 -26.16 16.48 8.43
N PRO B 92 -26.58 17.67 8.89
CA PRO B 92 -26.35 18.04 10.30
C PRO B 92 -26.91 17.10 11.34
N ARG B 93 -28.06 16.46 11.08
CA ARG B 93 -28.64 15.59 12.09
C ARG B 93 -27.80 14.33 12.30
N ALA B 94 -26.97 13.96 11.34
CA ALA B 94 -26.10 12.80 11.50
C ALA B 94 -25.08 12.98 12.61
N GLU B 95 -24.76 14.23 12.98
CA GLU B 95 -23.77 14.46 14.03
C GLU B 95 -24.22 13.88 15.37
N ALA B 96 -25.53 13.80 15.60
CA ALA B 96 -26.05 13.29 16.86
C ALA B 96 -25.43 11.96 17.25
N VAL B 97 -25.07 11.13 16.27
CA VAL B 97 -24.53 9.81 16.63
C VAL B 97 -23.11 9.87 17.17
N MET B 98 -22.45 11.02 17.14
CA MET B 98 -21.11 11.10 17.72
C MET B 98 -21.05 12.05 18.92
N LEU B 99 -22.18 12.51 19.45
CA LEU B 99 -22.12 13.21 20.71
C LEU B 99 -21.67 12.22 21.78
N PRO B 100 -20.85 12.65 22.74
CA PRO B 100 -20.38 11.72 23.76
C PRO B 100 -21.53 10.98 24.42
N TYR B 101 -21.39 9.65 24.51
CA TYR B 101 -22.27 8.72 25.24
C TYR B 101 -23.62 8.45 24.57
N VAL B 102 -23.91 9.02 23.40
CA VAL B 102 -25.19 8.72 22.75
C VAL B 102 -25.27 7.25 22.36
N ALA B 103 -24.22 6.75 21.73
CA ALA B 103 -24.10 5.33 21.44
C ALA B 103 -23.55 4.62 22.66
N LYS B 104 -24.34 3.71 23.23
CA LYS B 104 -23.90 2.97 24.40
C LYS B 104 -22.78 2.00 24.05
N ASP B 105 -22.88 1.32 22.90
CA ASP B 105 -21.88 0.38 22.43
C ASP B 105 -22.08 0.25 20.93
N PHE B 106 -21.32 -0.65 20.28
CA PHE B 106 -21.42 -0.72 18.84
C PHE B 106 -22.75 -1.33 18.39
N ASP B 107 -23.32 -2.27 19.14
CA ASP B 107 -24.63 -2.78 18.78
C ASP B 107 -25.64 -1.63 18.71
N HIS B 108 -25.59 -0.71 19.66
CA HIS B 108 -26.44 0.47 19.63
C HIS B 108 -26.16 1.31 18.38
N LEU B 109 -24.88 1.55 18.08
CA LEU B 109 -24.53 2.35 16.90
C LEU B 109 -24.98 1.65 15.63
N ARG B 110 -24.83 0.33 15.56
CA ARG B 110 -25.25 -0.39 14.36
C ARG B 110 -26.76 -0.25 14.16
N ARG B 111 -27.52 -0.40 15.24
CA ARG B 111 -28.97 -0.21 15.16
C ARG B 111 -29.31 1.21 14.71
N MET B 112 -28.51 2.21 15.12
CA MET B 112 -28.73 3.57 14.65
C MET B 112 -28.58 3.64 13.14
N PHE B 113 -27.53 2.99 12.63
CA PHE B 113 -27.25 3.00 11.21
C PHE B 113 -28.35 2.32 10.41
N GLU B 114 -28.88 1.21 10.93
CA GLU B 114 -29.80 0.36 10.18
C GLU B 114 -31.26 0.79 10.30
N SER B 115 -31.56 1.75 11.15
CA SER B 115 -32.94 2.15 11.34
C SER B 115 -33.41 3.06 10.21
N ASP B 116 -34.69 3.48 10.31
CA ASP B 116 -35.25 4.43 9.37
C ASP B 116 -34.53 5.78 9.45
N PHE B 117 -34.09 6.19 10.64
CA PHE B 117 -33.27 7.39 10.73
C PHE B 117 -31.98 7.20 9.95
N GLY B 118 -31.28 6.09 10.21
CA GLY B 118 -30.07 5.82 9.47
C GLY B 118 -30.32 5.70 7.98
N GLN B 119 -31.36 4.96 7.61
CA GLN B 119 -31.72 4.86 6.20
C GLN B 119 -32.03 6.23 5.62
N GLY B 120 -32.65 7.12 6.42
CA GLY B 120 -32.89 8.48 5.95
C GLY B 120 -31.60 9.25 5.67
N VAL B 121 -30.63 9.13 6.57
CA VAL B 121 -29.33 9.76 6.35
C VAL B 121 -28.63 9.16 5.14
N ARG B 122 -28.62 7.83 5.06
CA ARG B 122 -28.00 7.16 3.93
C ARG B 122 -28.67 7.52 2.61
N ASP B 123 -29.99 7.75 2.62
CA ASP B 123 -30.66 8.15 1.39
C ASP B 123 -30.23 9.55 0.98
N GLU B 124 -30.05 10.46 1.95
CA GLU B 124 -29.62 11.81 1.64
C GLU B 124 -28.17 11.85 1.19
N MET B 125 -27.31 11.01 1.78
CA MET B 125 -25.94 10.84 1.31
C MET B 125 -25.90 10.51 -0.18
N LEU B 126 -26.77 9.59 -0.59
CA LEU B 126 -26.79 9.12 -1.97
C LEU B 126 -27.42 10.14 -2.91
N GLN B 127 -28.54 10.76 -2.50
CA GLN B 127 -29.23 11.69 -3.38
C GLN B 127 -28.40 12.93 -3.66
N LYS B 128 -27.78 13.53 -2.64
CA LYS B 128 -27.05 14.78 -2.82
C LYS B 128 -25.63 14.57 -3.33
N PHE B 129 -24.93 13.54 -2.83
CA PHE B 129 -23.49 13.47 -2.95
C PHE B 129 -22.97 12.24 -3.66
N ASN B 130 -23.86 11.35 -4.13
CA ASN B 130 -23.46 10.11 -4.81
C ASN B 130 -22.67 9.17 -3.88
N TRP B 131 -23.02 9.15 -2.60
CA TRP B 131 -22.38 8.25 -1.63
C TRP B 131 -23.36 7.12 -1.32
N ARG B 132 -23.02 5.90 -1.75
CA ARG B 132 -23.80 4.72 -1.38
C ARG B 132 -23.08 4.04 -0.22
N ALA B 133 -23.70 4.06 0.96
CA ALA B 133 -23.10 3.46 2.15
C ALA B 133 -23.41 1.97 2.15
N LEU B 134 -22.36 1.13 2.13
CA LEU B 134 -22.57 -0.31 2.01
C LEU B 134 -22.66 -1.02 3.35
N ASP B 135 -22.10 -0.44 4.41
CA ASP B 135 -21.92 -1.16 5.66
C ASP B 135 -21.26 -0.21 6.65
N THR B 136 -21.36 -0.56 7.92
CA THR B 136 -20.64 0.15 8.98
C THR B 136 -19.82 -0.88 9.76
N TRP B 137 -18.56 -0.54 10.00
CA TRP B 137 -17.62 -1.41 10.69
C TRP B 137 -17.22 -0.76 12.01
N TYR B 138 -17.32 -1.51 13.10
CA TYR B 138 -16.87 -1.03 14.40
C TYR B 138 -15.41 -0.63 14.33
N ASN B 139 -15.09 0.55 14.84
CA ASN B 139 -13.71 0.99 14.77
C ASN B 139 -13.16 1.42 16.12
N GLY B 140 -13.75 0.95 17.21
CA GLY B 140 -13.12 1.14 18.50
C GLY B 140 -13.81 2.19 19.37
N THR B 141 -13.81 1.94 20.68
CA THR B 141 -14.37 2.84 21.67
C THR B 141 -13.26 3.59 22.38
N ALA B 142 -13.41 4.91 22.50
CA ALA B 142 -12.39 5.74 23.15
C ALA B 142 -12.42 5.52 24.65
N GLU B 143 -11.24 5.60 25.27
CA GLU B 143 -11.06 5.44 26.72
C GLU B 143 -10.09 6.51 27.21
N THR B 144 -9.90 6.61 28.52
CA THR B 144 -9.21 7.76 29.10
C THR B 144 -7.99 7.31 29.89
N THR B 145 -6.80 7.76 29.47
CA THR B 145 -5.56 7.56 30.22
C THR B 145 -5.24 8.78 31.07
N SER B 146 -4.35 8.59 32.05
CA SER B 146 -4.04 9.67 32.98
C SER B 146 -2.89 9.29 33.90
N ASN B 147 -2.32 10.30 34.56
CA ASN B 147 -1.21 10.10 35.48
C ASN B 147 -1.65 9.96 36.94
N ARG B 148 -2.96 9.95 37.19
CA ARG B 148 -3.55 9.65 38.49
C ARG B 148 -4.85 8.90 38.26
N PRO B 149 -5.32 8.08 39.21
CA PRO B 149 -6.47 7.20 38.94
C PRO B 149 -7.77 7.98 38.75
N LEU B 150 -8.65 7.41 37.92
CA LEU B 150 -10.00 7.93 37.64
C LEU B 150 -11.02 6.86 38.06
N ASN B 151 -11.46 6.93 39.31
CA ASN B 151 -12.42 5.97 39.84
C ASN B 151 -13.86 6.44 39.72
N SER B 152 -14.07 7.74 39.52
CA SER B 152 -15.40 8.32 39.39
C SER B 152 -15.28 9.62 38.61
N ILE B 153 -16.42 10.13 38.15
CA ILE B 153 -16.44 11.42 37.47
C ILE B 153 -15.87 12.50 38.36
N GLU B 154 -16.00 12.34 39.69
CA GLU B 154 -15.45 13.31 40.63
C GLU B 154 -13.97 13.57 40.38
N ASP B 155 -13.23 12.54 39.96
CA ASP B 155 -11.79 12.69 39.76
C ASP B 155 -11.45 13.56 38.55
N PHE B 156 -12.41 13.82 37.67
CA PHE B 156 -12.11 14.64 36.50
C PHE B 156 -11.89 16.11 36.86
N LYS B 157 -12.38 16.55 38.01
CA LYS B 157 -12.20 17.94 38.41
C LYS B 157 -10.72 18.30 38.46
N GLY B 158 -10.36 19.35 37.74
CA GLY B 158 -8.98 19.79 37.71
C GLY B 158 -8.04 18.87 36.95
N LEU B 159 -8.57 18.06 36.04
CA LEU B 159 -7.75 17.20 35.21
C LEU B 159 -7.41 17.92 33.90
N LYS B 160 -6.11 17.98 33.59
CA LYS B 160 -5.60 18.51 32.32
C LYS B 160 -5.84 17.47 31.23
N LEU B 161 -7.05 17.47 30.67
CA LEU B 161 -7.44 16.43 29.71
C LEU B 161 -7.17 16.93 28.29
N ARG B 162 -6.11 16.41 27.68
CA ARG B 162 -5.86 16.68 26.27
C ARG B 162 -7.01 16.15 25.42
N VAL B 163 -7.39 16.95 24.43
CA VAL B 163 -8.36 16.55 23.41
C VAL B 163 -7.91 17.13 22.08
N PRO B 164 -8.28 16.48 20.99
CA PRO B 164 -8.04 17.09 19.67
C PRO B 164 -8.96 18.28 19.47
N ASN B 165 -8.59 19.14 18.53
CA ASN B 165 -9.43 20.29 18.24
C ASN B 165 -10.67 19.85 17.48
N ALA B 166 -11.54 19.10 18.17
CA ALA B 166 -12.79 18.57 17.62
C ALA B 166 -13.91 18.84 18.61
N LYS B 167 -15.07 19.21 18.08
CA LYS B 167 -16.18 19.68 18.90
C LYS B 167 -16.56 18.65 19.97
N GLN B 168 -16.74 17.39 19.58
CA GLN B 168 -17.32 16.43 20.52
C GLN B 168 -16.33 15.93 21.56
N ASN B 169 -15.05 15.79 21.21
CA ASN B 169 -14.04 15.51 22.22
C ASN B 169 -13.97 16.62 23.26
N LEU B 170 -14.02 17.87 22.79
CA LEU B 170 -14.08 19.02 23.70
C LEU B 170 -15.29 18.94 24.62
N ASN B 171 -16.46 18.67 24.06
CA ASN B 171 -17.67 18.54 24.88
C ASN B 171 -17.50 17.47 25.94
N TYR B 172 -16.89 16.34 25.58
CA TYR B 172 -16.63 15.27 26.55
C TYR B 172 -15.83 15.79 27.73
N ALA B 173 -14.65 16.36 27.45
CA ALA B 173 -13.76 16.82 28.50
C ALA B 173 -14.41 17.92 29.33
N LYS B 174 -15.09 18.86 28.67
CA LYS B 174 -15.73 19.97 29.35
C LYS B 174 -16.87 19.48 30.24
N LEU B 175 -17.83 18.76 29.66
CA LEU B 175 -19.00 18.31 30.40
C LEU B 175 -18.67 17.28 31.49
N SER B 176 -17.49 16.65 31.44
CA SER B 176 -17.12 15.75 32.51
C SER B 176 -16.51 16.45 33.71
N GLY B 177 -16.34 17.77 33.66
CA GLY B 177 -15.72 18.49 34.75
C GLY B 177 -14.24 18.72 34.59
N ALA B 178 -13.60 18.01 33.66
CA ALA B 178 -12.19 18.24 33.38
C ALA B 178 -12.02 19.57 32.68
N SER B 179 -10.76 19.97 32.51
CA SER B 179 -10.46 21.19 31.79
C SER B 179 -9.76 20.87 30.48
N PRO B 180 -10.44 21.02 29.35
CA PRO B 180 -9.85 20.58 28.08
C PRO B 180 -8.61 21.38 27.71
N THR B 181 -7.66 20.69 27.08
CA THR B 181 -6.52 21.34 26.46
C THR B 181 -6.48 20.87 25.01
N PRO B 182 -7.12 21.60 24.10
CA PRO B 182 -6.97 21.30 22.67
C PRO B 182 -5.48 21.20 22.32
N MET B 183 -5.16 20.27 21.43
CA MET B 183 -3.76 19.90 21.25
C MET B 183 -3.60 19.03 20.01
N SER B 184 -2.57 19.31 19.22
CA SER B 184 -2.28 18.46 18.08
C SER B 184 -1.74 17.10 18.50
N PHE B 185 -2.16 16.07 17.76
CA PHE B 185 -1.83 14.68 18.03
C PHE B 185 -0.33 14.46 18.21
N SER B 186 0.48 15.10 17.36
CA SER B 186 1.91 14.81 17.36
C SER B 186 2.59 15.21 18.65
N GLU B 187 2.00 16.13 19.41
CA GLU B 187 2.62 16.60 20.64
C GLU B 187 2.11 15.88 21.87
N VAL B 188 1.11 15.01 21.73
CA VAL B 188 0.42 14.48 22.89
C VAL B 188 1.38 13.68 23.77
N TYR B 189 2.21 12.82 23.17
CA TYR B 189 3.05 11.92 23.94
C TYR B 189 3.92 12.68 24.92
C R1A B 190 4.97 15.22 26.32
CA R1A B 190 5.53 14.46 25.15
N R1A B 190 4.56 13.74 24.41
CB R1A B 190 6.26 15.42 24.22
SG R1A B 190 7.65 14.55 23.62
SD R1A B 190 8.91 14.72 25.25
CE R1A B 190 9.67 16.25 24.80
C3 R1A B 190 9.00 17.43 25.35
C2 R1A B 190 8.72 18.76 24.63
C9 R1A B 190 7.54 18.69 23.66
C8 R1A B 190 9.89 19.43 23.94
C4 R1A B 190 8.54 17.43 26.61
C5 R1A B 190 7.88 18.72 27.03
C7 R1A B 190 6.35 18.64 27.02
C6 R1A B 190 8.36 19.20 28.39
N1 R1A B 190 8.42 19.64 25.90
O1 R1A B 190 8.62 20.78 26.00
O R1A B 190 5.56 15.32 27.41
N ALA B 191 3.80 15.81 26.10
CA ALA B 191 3.14 16.54 27.16
C ALA B 191 2.83 15.58 28.31
N LEU B 192 2.48 14.36 27.93
CA LEU B 192 2.18 13.33 28.93
C LEU B 192 3.44 12.85 29.63
N GLN B 193 4.57 12.73 28.89
CA GLN B 193 5.80 12.14 29.43
C GLN B 193 6.38 13.00 30.53
N THR B 194 6.43 14.29 30.30
CA THR B 194 6.90 15.26 31.27
C THR B 194 5.79 15.73 32.19
N ASN B 195 4.62 15.09 32.13
CA ASN B 195 3.43 15.47 32.90
C ASN B 195 3.06 16.93 32.68
N ALA B 196 3.50 17.49 31.54
CA ALA B 196 3.01 18.79 31.09
C ALA B 196 1.51 18.79 30.87
N VAL B 197 0.91 17.62 30.68
CA VAL B 197 -0.54 17.43 30.65
C VAL B 197 -0.83 16.17 31.47
N ASP B 198 -2.08 16.04 31.93
CA ASP B 198 -2.39 14.93 32.83
C ASP B 198 -2.83 13.66 32.10
N GLY B 199 -3.69 13.79 31.08
CA GLY B 199 -4.17 12.63 30.37
C GLY B 199 -4.68 12.96 28.99
N GLN B 200 -5.23 11.93 28.32
CA GLN B 200 -5.84 12.05 27.00
C GLN B 200 -6.92 10.98 26.88
N GLU B 201 -7.54 10.89 25.70
CA GLU B 201 -8.62 9.97 25.43
C GLU B 201 -8.58 9.53 23.97
N ASN B 202 -8.69 8.22 23.73
CA ASN B 202 -8.54 7.62 22.40
C ASN B 202 -8.85 6.13 22.52
N PRO B 203 -9.24 5.49 21.40
CA PRO B 203 -9.36 4.03 21.41
C PRO B 203 -8.04 3.37 21.80
N LEU B 204 -8.17 2.20 22.42
CA LEU B 204 -7.01 1.47 22.90
C LEU B 204 -5.95 1.23 21.82
N PRO B 205 -6.29 0.87 20.58
CA PRO B 205 -5.22 0.70 19.58
C PRO B 205 -4.40 1.95 19.34
N THR B 206 -5.02 3.13 19.32
CA THR B 206 -4.23 4.35 19.24
C THR B 206 -3.33 4.52 20.45
N ILE B 207 -3.82 4.18 21.64
CA ILE B 207 -3.01 4.32 22.85
C ILE B 207 -1.77 3.43 22.76
N LYS B 208 -1.92 2.20 22.25
CA LYS B 208 -0.76 1.33 22.12
C LYS B 208 0.19 1.80 21.01
N THR B 209 -0.36 2.11 19.82
CA THR B 209 0.50 2.48 18.70
C THR B 209 1.35 3.70 19.02
N MET B 210 0.74 4.72 19.66
CA MET B 210 1.49 5.91 20.07
C MET B 210 2.26 5.70 21.35
N LYS B 211 2.15 4.52 21.96
CA LYS B 211 2.87 4.21 23.19
C LYS B 211 2.60 5.24 24.28
N PHE B 212 1.38 5.80 24.31
CA PHE B 212 0.99 6.62 25.44
C PHE B 212 1.02 5.83 26.74
N TYR B 213 0.91 4.50 26.65
CA TYR B 213 0.82 3.67 27.85
C TYR B 213 2.10 3.74 28.67
N GLU B 214 3.27 3.67 28.02
CA GLU B 214 4.53 3.76 28.76
C GLU B 214 4.67 5.10 29.48
N VAL B 215 3.79 6.05 29.19
CA VAL B 215 3.84 7.39 29.75
C VAL B 215 2.65 7.70 30.68
N GLN B 216 1.57 6.94 30.62
CA GLN B 216 0.43 7.09 31.51
C GLN B 216 0.37 5.93 32.49
N LYS B 217 -0.05 6.23 33.72
CA LYS B 217 -0.04 5.21 34.76
C LYS B 217 -1.42 4.60 34.98
N ASN B 218 -2.48 5.24 34.51
CA ASN B 218 -3.85 4.76 34.72
C ASN B 218 -4.62 4.77 33.41
N LEU B 219 -5.59 3.87 33.33
CA LEU B 219 -6.55 3.80 32.23
C LEU B 219 -7.95 3.64 32.82
N ALA B 220 -8.84 4.53 32.44
CA ALA B 220 -10.24 4.50 32.84
C ALA B 220 -11.06 4.07 31.64
N MET B 221 -11.90 3.06 31.82
CA MET B 221 -12.78 2.57 30.75
C MET B 221 -14.04 3.43 30.76
N THR B 222 -13.87 4.66 30.26
CA THR B 222 -14.96 5.63 30.21
C THR B 222 -15.95 5.34 29.10
N HIS B 223 -15.57 4.56 28.08
CA HIS B 223 -16.50 4.17 27.00
C HIS B 223 -17.26 5.39 26.45
N HIS B 224 -16.57 6.51 26.24
CA HIS B 224 -17.30 7.74 26.01
C HIS B 224 -17.64 8.02 24.54
N ILE B 225 -16.96 7.39 23.59
CA ILE B 225 -17.24 7.59 22.17
C ILE B 225 -17.08 6.23 21.49
N VAL B 226 -18.16 5.72 20.90
CA VAL B 226 -18.11 4.50 20.10
C VAL B 226 -17.92 4.92 18.65
N ASN B 227 -16.84 4.44 18.01
CA ASN B 227 -16.50 4.83 16.64
C ASN B 227 -16.87 3.73 15.65
N ASP B 228 -17.06 4.16 14.40
CA ASP B 228 -17.25 3.25 13.30
C ASP B 228 -16.50 3.77 12.09
N GLN B 229 -16.43 2.94 11.05
CA GLN B 229 -16.11 3.39 9.70
C GLN B 229 -17.17 2.82 8.76
N MET B 230 -17.79 3.69 7.99
CA MET B 230 -18.67 3.23 6.93
C MET B 230 -17.82 2.88 5.71
N VAL B 231 -18.29 1.93 4.93
CA VAL B 231 -17.69 1.67 3.63
C VAL B 231 -18.62 2.29 2.60
N ILE B 232 -18.14 3.32 1.91
CA ILE B 232 -18.92 4.08 0.94
C ILE B 232 -18.34 3.83 -0.44
N ILE B 233 -19.22 3.56 -1.41
CA ILE B 233 -18.83 3.44 -2.80
C ILE B 233 -19.49 4.55 -3.61
N SER B 234 -18.77 5.03 -4.62
CA SER B 234 -19.30 6.06 -5.51
C SER B 234 -20.48 5.52 -6.30
N GLU B 235 -21.58 6.27 -6.30
CA GLU B 235 -22.77 5.81 -6.99
C GLU B 235 -22.56 5.74 -8.49
N SER B 236 -21.72 6.62 -9.05
CA SER B 236 -21.44 6.50 -10.48
C SER B 236 -20.70 5.19 -10.77
N THR B 237 -19.76 4.82 -9.89
CA THR B 237 -19.09 3.53 -10.04
C THR B 237 -20.09 2.39 -9.92
N TRP B 238 -21.01 2.50 -8.94
CA TRP B 238 -21.96 1.43 -8.64
C TRP B 238 -22.85 1.10 -9.85
N GLN B 239 -23.39 2.12 -10.52
CA GLN B 239 -24.34 1.81 -11.58
C GLN B 239 -23.66 1.20 -12.82
N LYS B 240 -22.36 1.42 -13.02
CA LYS B 240 -21.66 0.72 -14.09
C LYS B 240 -21.61 -0.79 -13.88
N LEU B 241 -21.82 -1.28 -12.66
CA LEU B 241 -21.61 -2.70 -12.37
C LEU B 241 -22.81 -3.55 -12.77
N SER B 242 -22.52 -4.81 -13.11
CA SER B 242 -23.59 -5.78 -13.32
C SER B 242 -24.23 -6.14 -11.99
N ASP B 243 -25.48 -6.61 -12.05
CA ASP B 243 -26.13 -7.09 -10.84
C ASP B 243 -25.33 -8.19 -10.17
N THR B 244 -24.58 -8.97 -10.96
CA THR B 244 -23.71 -10.00 -10.39
C THR B 244 -22.59 -9.37 -9.56
N ASP B 245 -21.91 -8.37 -10.11
CA ASP B 245 -20.79 -7.76 -9.40
C ASP B 245 -21.26 -6.97 -8.19
N LYS B 246 -22.41 -6.29 -8.31
CA LYS B 246 -22.99 -5.59 -7.17
C LYS B 246 -23.13 -6.53 -5.97
N ASP B 247 -23.60 -7.75 -6.20
CA ASP B 247 -23.81 -8.67 -5.10
C ASP B 247 -22.48 -9.16 -4.53
N ILE B 248 -21.50 -9.44 -5.41
CA ILE B 248 -20.17 -9.80 -4.94
C ILE B 248 -19.61 -8.69 -4.06
N ILE B 249 -19.72 -7.44 -4.51
CA ILE B 249 -19.21 -6.32 -3.71
C ILE B 249 -19.95 -6.27 -2.38
N GLN B 250 -21.29 -6.22 -2.45
CA GLN B 250 -22.10 -5.99 -1.26
C GLN B 250 -21.82 -7.06 -0.23
N LYS B 251 -21.60 -8.29 -0.67
CA LYS B 251 -21.49 -9.32 0.32
C LYS B 251 -20.03 -9.58 0.69
N ALA B 252 -19.07 -9.13 -0.13
CA ALA B 252 -17.68 -9.14 0.30
C ALA B 252 -17.48 -8.12 1.42
N VAL B 253 -18.13 -6.97 1.30
CA VAL B 253 -18.03 -5.92 2.32
C VAL B 253 -18.61 -6.41 3.65
N GLN B 254 -19.71 -7.17 3.61
CA GLN B 254 -20.30 -7.69 4.84
C GLN B 254 -19.36 -8.65 5.53
N LYS B 255 -18.75 -9.56 4.76
CA LYS B 255 -17.85 -10.56 5.32
C LYS B 255 -16.63 -9.90 5.95
N VAL B 256 -16.01 -8.96 5.24
CA VAL B 256 -14.85 -8.29 5.79
C VAL B 256 -15.24 -7.42 6.98
N GLY B 257 -16.44 -6.82 6.96
CA GLY B 257 -16.88 -6.02 8.09
C GLY B 257 -17.10 -6.82 9.36
N ASP B 258 -17.74 -7.99 9.23
CA ASP B 258 -17.86 -8.91 10.35
C ASP B 258 -16.49 -9.24 10.94
N ALA B 259 -15.52 -9.55 10.08
CA ALA B 259 -14.19 -9.85 10.57
C ALA B 259 -13.50 -8.60 11.12
N HIS B 260 -13.67 -7.45 10.48
CA HIS B 260 -13.10 -6.22 11.02
C HIS B 260 -13.65 -5.91 12.41
N THR B 261 -14.98 -5.98 12.55
CA THR B 261 -15.63 -5.67 13.82
C THR B 261 -15.17 -6.64 14.91
N GLN B 262 -15.12 -7.93 14.60
CA GLN B 262 -14.64 -8.93 15.53
C GLN B 262 -13.16 -8.73 15.86
N THR B 263 -12.36 -8.29 14.88
CA THR B 263 -10.95 -8.03 15.11
C THR B 263 -10.72 -6.85 16.06
N VAL B 264 -11.51 -5.79 15.92
CA VAL B 264 -11.35 -4.65 16.82
C VAL B 264 -11.75 -5.03 18.25
N LYS B 265 -12.83 -5.82 18.40
CA LYS B 265 -13.22 -6.30 19.72
C LYS B 265 -12.12 -7.18 20.32
N THR B 266 -11.51 -8.05 19.50
CA THR B 266 -10.43 -8.91 19.98
C THR B 266 -9.25 -8.08 20.47
N GLN B 267 -8.85 -7.07 19.69
CA GLN B 267 -7.74 -6.22 20.08
C GLN B 267 -8.04 -5.44 21.35
N GLU B 268 -9.29 -5.03 21.56
CA GLU B 268 -9.59 -4.27 22.76
C GLU B 268 -9.40 -5.13 24.01
N ALA B 269 -9.85 -6.39 23.95
CA ALA B 269 -9.60 -7.33 25.05
C ALA B 269 -8.12 -7.60 25.21
N GLU B 270 -7.41 -7.74 24.09
CA GLU B 270 -5.96 -7.92 24.09
C GLU B 270 -5.26 -6.77 24.84
N LEU B 271 -5.60 -5.53 24.50
CA LEU B 271 -4.81 -4.38 24.94
C LEU B 271 -5.06 -4.06 26.41
N VAL B 272 -6.30 -4.23 26.88
CA VAL B 272 -6.57 -4.12 28.31
C VAL B 272 -5.65 -5.03 29.10
N SER B 273 -5.44 -6.26 28.63
CA SER B 273 -4.56 -7.18 29.35
C SER B 273 -3.11 -6.78 29.16
N PHE B 274 -2.75 -6.28 27.98
CA PHE B 274 -1.39 -5.81 27.78
C PHE B 274 -1.10 -4.61 28.67
N PHE B 275 -2.05 -3.68 28.75
CA PHE B 275 -1.86 -2.50 29.61
C PHE B 275 -1.73 -2.92 31.08
N LYS B 276 -2.61 -3.80 31.54
CA LYS B 276 -2.46 -4.31 32.91
C LYS B 276 -1.10 -4.96 33.11
N SER B 277 -0.67 -5.79 32.15
CA SER B 277 0.61 -6.47 32.29
C SER B 277 1.77 -5.49 32.37
N GLU B 278 1.65 -4.33 31.73
CA GLU B 278 2.67 -3.28 31.79
C GLU B 278 2.66 -2.51 33.11
N GLY B 279 1.75 -2.84 34.03
CA GLY B 279 1.65 -2.16 35.30
C GLY B 279 0.60 -1.07 35.36
N ILE B 280 -0.19 -0.90 34.31
CA ILE B 280 -1.22 0.15 34.30
C ILE B 280 -2.36 -0.23 35.23
N ASN B 281 -2.87 0.77 35.94
CA ASN B 281 -4.04 0.62 36.82
C ASN B 281 -5.28 0.90 35.98
N VAL B 282 -6.10 -0.13 35.75
CA VAL B 282 -7.26 -0.03 34.88
C VAL B 282 -8.50 0.07 35.75
N THR B 283 -9.23 1.18 35.62
CA THR B 283 -10.45 1.39 36.40
C THR B 283 -11.67 1.34 35.48
N TYR B 284 -12.81 0.94 36.07
CA TYR B 284 -14.10 0.91 35.40
C TYR B 284 -15.03 1.81 36.20
N PRO B 285 -14.94 3.12 36.02
CA PRO B 285 -15.80 4.03 36.79
C PRO B 285 -17.24 3.91 36.33
N ASP B 286 -18.15 4.15 37.27
CA ASP B 286 -19.58 4.24 36.96
C ASP B 286 -19.80 5.26 35.85
N LEU B 287 -20.48 4.85 34.79
CA LEU B 287 -20.66 5.69 33.63
C LEU B 287 -21.94 6.51 33.67
N GLU B 288 -22.92 6.14 34.49
CA GLU B 288 -24.17 6.88 34.53
C GLU B 288 -23.98 8.36 34.84
N PRO B 289 -23.15 8.78 35.80
CA PRO B 289 -22.95 10.23 35.99
C PRO B 289 -22.30 10.92 34.79
N PHE B 290 -21.60 10.18 33.94
CA PHE B 290 -21.10 10.77 32.70
C PHE B 290 -22.24 10.99 31.71
N ARG B 291 -23.15 10.02 31.60
CA ARG B 291 -24.25 10.18 30.66
C ARG B 291 -25.20 11.29 31.10
N GLU B 292 -25.42 11.43 32.41
CA GLU B 292 -26.25 12.53 32.89
C GLU B 292 -25.55 13.87 32.65
N ALA B 293 -24.23 13.93 32.85
CA ALA B 293 -23.51 15.17 32.61
C ALA B 293 -23.59 15.61 31.14
N MET B 294 -23.87 14.68 30.22
CA MET B 294 -24.04 15.02 28.81
C MET B 294 -25.47 15.47 28.47
N GLN B 295 -26.37 15.47 29.45
CA GLN B 295 -27.78 15.71 29.13
C GLN B 295 -28.06 17.10 28.59
N PRO B 296 -27.51 18.19 29.13
CA PRO B 296 -27.76 19.50 28.51
C PRO B 296 -27.22 19.61 27.09
N LEU B 297 -26.15 18.88 26.76
CA LEU B 297 -25.68 18.85 25.38
C LEU B 297 -26.73 18.25 24.46
N TYR B 298 -27.44 17.23 24.94
CA TYR B 298 -28.40 16.49 24.11
C TYR B 298 -29.58 17.37 23.71
N LYS B 299 -30.31 17.90 24.69
CA LYS B 299 -31.49 18.70 24.36
C LYS B 299 -31.13 20.03 23.71
N GLU B 300 -29.92 20.53 23.93
CA GLU B 300 -29.41 21.64 23.13
C GLU B 300 -29.38 21.27 21.64
N PHE B 301 -28.80 20.12 21.33
CA PHE B 301 -28.77 19.65 19.94
C PHE B 301 -30.18 19.45 19.40
N ASP B 302 -31.02 18.73 20.15
CA ASP B 302 -32.41 18.52 19.74
C ASP B 302 -33.16 19.83 19.56
N SER B 303 -32.74 20.91 20.23
CA SER B 303 -33.43 22.19 20.10
C SER B 303 -33.01 22.94 18.85
N ASN B 304 -31.69 23.12 18.66
CA ASN B 304 -31.21 23.87 17.51
C ASN B 304 -31.68 23.23 16.20
N ILE B 305 -31.39 21.94 16.02
CA ILE B 305 -31.90 21.20 14.87
C ILE B 305 -33.43 21.24 14.84
N GLY B 306 -34.07 21.27 16.00
CA GLY B 306 -35.51 21.47 16.08
C GLY B 306 -36.33 20.20 16.17
N GLN B 307 -35.70 19.03 16.10
CA GLN B 307 -36.38 17.75 16.21
C GLN B 307 -35.66 16.88 17.23
N PRO B 308 -36.39 15.98 17.91
CA PRO B 308 -35.75 15.18 18.97
C PRO B 308 -34.82 14.11 18.44
N ILE B 309 -33.74 14.51 17.76
CA ILE B 309 -32.86 13.53 17.12
C ILE B 309 -32.15 12.68 18.17
N VAL B 310 -31.57 13.31 19.19
CA VAL B 310 -30.77 12.56 20.14
C VAL B 310 -31.66 11.66 20.99
N SER B 311 -32.82 12.16 21.40
CA SER B 311 -33.78 11.35 22.14
C SER B 311 -34.19 10.09 21.35
N LYS B 312 -34.57 10.24 20.07
CA LYS B 312 -34.90 9.06 19.28
C LYS B 312 -33.77 8.06 19.28
N LEU B 313 -32.54 8.55 19.19
CA LEU B 313 -31.38 7.70 19.01
C LEU B 313 -31.09 6.88 20.27
N ALA B 314 -31.24 7.51 21.44
CA ALA B 314 -30.92 6.83 22.69
C ALA B 314 -31.85 5.66 22.95
N ALA B 315 -33.09 5.72 22.46
CA ALA B 315 -34.08 4.67 22.69
C ALA B 315 -33.98 3.51 21.70
N MET B 316 -33.01 3.52 20.80
CA MET B 316 -32.93 2.54 19.73
C MET B 316 -32.17 1.26 20.10
C1 GOL C . 10.42 -16.39 -23.41
O1 GOL C . 9.22 -15.67 -23.28
C2 GOL C . 10.94 -16.44 -21.96
O2 GOL C . 12.18 -17.12 -21.82
C3 GOL C . 10.93 -14.91 -21.47
O3 GOL C . 12.08 -14.25 -21.92
C1 GOL D . -18.19 -4.19 22.70
O1 GOL D . -18.86 -5.31 23.22
C2 GOL D . -19.31 -3.33 22.10
O2 GOL D . -18.86 -2.14 21.48
C3 GOL D . -20.07 -4.34 21.16
O3 GOL D . -21.46 -4.06 21.24
#